data_2QB8
#
_entry.id   2QB8
#
_cell.length_a   78.134
_cell.length_b   82.847
_cell.length_c   121.761
_cell.angle_alpha   90.00
_cell.angle_beta   90.00
_cell.angle_gamma   90.00
#
_symmetry.space_group_name_H-M   'P 21 21 21'
#
loop_
_entity.id
_entity.type
_entity.pdbx_description
1 polymer Exopolyphosphatase
2 non-polymer 'MAGNESIUM ION'
3 non-polymer "ADENOSINE-5'-TRIPHOSPHATE"
4 water water
#
_entity_poly.entity_id   1
_entity_poly.type   'polypeptide(L)'
_entity_poly.pdbx_seq_one_letter_code
;MSPLRKTVPEFLAHLKSLPISKIASNDVLTICVGNESADMDSIASAITYSYCQYIYNEGTYSEEKKKGSFIVPIIDIPRE
DLSLRRDVMYVLEKLKIKEEELFFIEDLKSLKQNVSQGTELNSYLVDNNDTPKNLKNYIDNVVGIIDHHFDLQKHLDAEP
RIVKVSGSCSSLVFNYWYEKLQGDREVVMNIAPLLMGAILIDTSNMRRKVEESDKLAIERCQAVLSGAVNEVSAQGLEDS
SEFYKEIKSRKNDIKGFSVSDILKKDYKQFNFQGKGHKGLEIGLSSIVKRMSWLFNEHGGEADFVNQCRRFQAERGLDVL
VLLTSWRKAGDSHRELVILGDSNVVRELIERVSDKLQLQLFGGNLDGGVAMFKQLNVEATRKQVVPYLEEAYSNLEE
;
_entity_poly.pdbx_strand_id   A,B
#
loop_
_chem_comp.id
_chem_comp.type
_chem_comp.name
_chem_comp.formula
ATP non-polymer ADENOSINE-5'-TRIPHOSPHATE 'C10 H16 N5 O13 P3'
MG non-polymer 'MAGNESIUM ION' 'Mg 2'
#
# COMPACT_ATOMS: atom_id res chain seq x y z
N ARG A 5 17.65 19.43 27.29
CA ARG A 5 16.54 19.61 26.30
C ARG A 5 15.24 18.96 26.73
N LYS A 6 14.17 19.73 26.67
CA LYS A 6 12.88 19.33 27.18
C LYS A 6 12.23 18.28 26.26
N THR A 7 11.51 17.33 26.85
CA THR A 7 10.65 16.42 26.10
C THR A 7 9.43 17.20 25.61
N VAL A 8 8.54 16.54 24.89
CA VAL A 8 7.34 17.21 24.39
C VAL A 8 6.43 17.73 25.52
N PRO A 9 6.06 16.90 26.50
CA PRO A 9 5.26 17.40 27.64
C PRO A 9 5.94 18.55 28.39
N GLU A 10 7.25 18.44 28.59
CA GLU A 10 8.01 19.47 29.26
C GLU A 10 7.97 20.80 28.50
N PHE A 11 8.09 20.74 27.18
CA PHE A 11 8.00 21.91 26.31
C PHE A 11 6.64 22.58 26.42
N LEU A 12 5.58 21.78 26.32
CA LEU A 12 4.21 22.26 26.44
C LEU A 12 3.93 22.89 27.80
N ALA A 13 4.36 22.22 28.88
CA ALA A 13 4.27 22.77 30.23
C ALA A 13 5.01 24.09 30.32
N HIS A 14 6.18 24.17 29.70
CA HIS A 14 6.98 25.39 29.71
C HIS A 14 6.24 26.56 29.02
N LEU A 15 5.62 26.29 27.88
CA LEU A 15 4.79 27.28 27.20
C LEU A 15 3.67 27.79 28.10
N LYS A 16 2.96 26.87 28.77
CA LYS A 16 1.89 27.23 29.68
C LYS A 16 2.38 28.09 30.85
N SER A 17 3.63 27.88 31.25
CA SER A 17 4.21 28.61 32.39
C SER A 17 4.67 30.03 32.08
N LEU A 18 4.83 30.36 30.80
CA LEU A 18 5.41 31.63 30.41
C LEU A 18 4.36 32.73 30.34
N PRO A 19 4.75 33.98 30.57
CA PRO A 19 3.86 35.10 30.24
C PRO A 19 3.72 35.20 28.72
N ILE A 20 2.60 35.73 28.26
CA ILE A 20 2.36 35.80 26.82
C ILE A 20 3.42 36.68 26.13
N SER A 21 3.95 37.69 26.83
CA SER A 21 4.99 38.56 26.28
C SER A 21 6.34 37.85 26.07
N LYS A 22 6.57 36.73 26.72
CA LYS A 22 7.75 35.91 26.46
C LYS A 22 7.53 34.88 25.34
N ILE A 23 6.27 34.65 24.99
CA ILE A 23 5.95 33.78 23.85
C ILE A 23 5.96 34.61 22.56
N ALA A 24 5.33 35.78 22.60
CA ALA A 24 5.41 36.72 21.49
C ALA A 24 6.79 37.33 21.44
N SER A 25 7.17 37.82 20.26
CA SER A 25 8.43 38.51 20.06
C SER A 25 8.19 39.69 19.14
N ASN A 26 8.70 40.84 19.54
CA ASN A 26 8.48 42.11 18.82
C ASN A 26 7.02 42.28 18.37
N ASP A 27 6.10 42.04 19.30
CA ASP A 27 4.67 42.19 19.09
C ASP A 27 4.14 41.34 17.94
N VAL A 28 4.66 40.13 17.82
CA VAL A 28 4.07 39.10 16.96
C VAL A 28 3.95 37.84 17.80
N LEU A 29 2.74 37.30 17.90
CA LEU A 29 2.49 36.02 18.56
C LEU A 29 2.30 35.00 17.44
N THR A 30 3.09 33.94 17.43
CA THR A 30 3.03 32.94 16.38
C THR A 30 2.48 31.60 16.88
N ILE A 31 1.53 31.06 16.14
CA ILE A 31 0.95 29.75 16.42
C ILE A 31 1.15 28.80 15.25
N CYS A 32 0.82 27.53 15.49
CA CYS A 32 0.75 26.51 14.45
C CYS A 32 -0.53 25.72 14.68
N VAL A 33 -1.40 25.69 13.67
CA VAL A 33 -2.68 25.02 13.81
C VAL A 33 -2.94 24.03 12.68
N GLY A 34 -3.60 22.93 13.03
CA GLY A 34 -4.08 21.94 12.08
C GLY A 34 -5.45 22.33 11.54
N ASN A 35 -6.21 21.37 11.01
CA ASN A 35 -7.51 21.68 10.42
C ASN A 35 -8.66 21.53 11.41
N GLU A 36 -9.83 21.96 10.97
CA GLU A 36 -11.04 22.00 11.78
C GLU A 36 -11.52 20.63 12.27
N SER A 37 -11.04 19.55 11.65
CA SER A 37 -11.41 18.21 12.09
C SER A 37 -10.60 17.71 13.29
N ALA A 38 -9.46 18.33 13.55
CA ALA A 38 -8.62 17.99 14.69
C ALA A 38 -8.47 16.47 14.87
N ASP A 39 -8.05 15.79 13.81
CA ASP A 39 -7.76 14.35 13.88
C ASP A 39 -6.34 14.10 14.39
N MET A 40 -5.94 12.84 14.47
CA MET A 40 -4.59 12.50 14.90
C MET A 40 -3.53 13.28 14.12
N ASP A 41 -3.63 13.27 12.80
CA ASP A 41 -2.66 13.95 11.96
C ASP A 41 -2.53 15.45 12.26
N SER A 42 -3.66 16.14 12.36
CA SER A 42 -3.66 17.59 12.65
C SER A 42 -3.02 17.91 13.99
N ILE A 43 -3.32 17.07 14.98
CA ILE A 43 -2.82 17.27 16.34
C ILE A 43 -1.31 16.93 16.45
N ALA A 44 -0.93 15.77 15.92
CA ALA A 44 0.46 15.33 15.88
C ALA A 44 1.32 16.31 15.09
N SER A 45 0.82 16.75 13.94
CA SER A 45 1.59 17.66 13.09
C SER A 45 1.84 19.00 13.76
N ALA A 46 0.82 19.56 14.40
CA ALA A 46 0.97 20.89 15.03
C ALA A 46 1.93 20.86 16.20
N ILE A 47 1.79 19.85 17.05
CA ILE A 47 2.64 19.71 18.22
C ILE A 47 4.08 19.46 17.78
N THR A 48 4.28 18.62 16.77
CA THR A 48 5.59 18.28 16.25
C THR A 48 6.29 19.49 15.66
N TYR A 49 5.56 20.27 14.87
CA TYR A 49 6.13 21.48 14.24
C TYR A 49 6.62 22.45 15.32
N SER A 50 5.76 22.71 16.30
CA SER A 50 6.08 23.64 17.38
C SER A 50 7.28 23.17 18.19
N TYR A 51 7.26 21.89 18.53
CA TYR A 51 8.35 21.29 19.32
C TYR A 51 9.68 21.30 18.58
N CYS A 52 9.69 20.88 17.32
CA CYS A 52 10.92 20.86 16.53
C CYS A 52 11.51 22.25 16.32
N GLN A 53 10.65 23.26 16.16
CA GLN A 53 11.10 24.65 16.01
C GLN A 53 11.80 25.13 17.27
N TYR A 54 11.24 24.78 18.43
CA TYR A 54 11.83 25.10 19.72
C TYR A 54 13.23 24.50 19.89
N ILE A 55 13.37 23.22 19.57
CA ILE A 55 14.65 22.53 19.74
C ILE A 55 15.65 23.13 18.76
N TYR A 56 15.23 23.33 17.52
CA TYR A 56 16.06 23.94 16.49
C TYR A 56 16.62 25.31 16.89
N ASN A 57 15.75 26.18 17.40
CA ASN A 57 16.11 27.53 17.76
C ASN A 57 17.09 27.68 18.91
N GLU A 58 17.08 26.74 19.84
CA GLU A 58 17.94 26.80 21.03
C GLU A 58 19.27 26.09 20.83
N GLY A 59 19.33 25.25 19.79
CA GLY A 59 20.49 24.43 19.52
C GLY A 59 21.43 25.02 18.49
N THR A 60 22.38 24.18 18.08
CA THR A 60 23.54 24.61 17.29
C THR A 60 23.40 24.31 15.79
N TYR A 61 22.24 23.82 15.39
CA TYR A 61 21.87 23.71 13.97
C TYR A 61 21.54 25.12 13.48
N SER A 62 21.07 25.95 14.42
CA SER A 62 20.73 27.35 14.14
C SER A 62 21.80 28.34 14.66
N GLU A 63 23.08 27.98 14.53
CA GLU A 63 24.19 28.90 14.82
C GLU A 63 24.51 29.72 13.57
N GLU A 64 24.65 31.04 13.76
CA GLU A 64 24.80 32.00 12.65
C GLU A 64 23.55 32.13 11.75
N LYS A 65 22.46 31.49 12.14
CA LYS A 65 21.13 31.80 11.64
C LYS A 65 20.23 31.83 12.88
N LYS A 66 20.01 33.03 13.43
CA LYS A 66 19.49 33.18 14.79
C LYS A 66 17.97 33.41 14.79
N LYS A 67 17.47 34.35 15.60
CA LYS A 67 16.05 34.67 15.71
C LYS A 67 15.27 33.51 16.31
N GLY A 68 13.98 33.44 16.02
CA GLY A 68 13.19 32.24 16.22
C GLY A 68 12.37 32.23 17.50
N SER A 69 11.18 32.81 17.44
CA SER A 69 10.30 32.82 18.60
C SER A 69 9.63 31.45 18.80
N PHE A 70 9.08 31.25 20.00
CA PHE A 70 8.19 30.13 20.28
C PHE A 70 7.01 30.11 19.31
N ILE A 71 6.54 28.91 18.99
CA ILE A 71 5.31 28.70 18.23
C ILE A 71 4.35 27.91 19.10
N VAL A 72 3.16 28.43 19.37
CA VAL A 72 2.16 27.74 20.18
C VAL A 72 1.34 26.80 19.29
N PRO A 73 1.37 25.50 19.56
CA PRO A 73 0.55 24.56 18.78
C PRO A 73 -0.89 24.67 19.23
N ILE A 74 -1.82 24.72 18.29
CA ILE A 74 -3.25 24.87 18.57
C ILE A 74 -4.00 23.66 18.00
N ILE A 75 -4.92 23.13 18.80
CA ILE A 75 -5.84 22.11 18.34
C ILE A 75 -7.17 22.83 18.15
N ASP A 76 -7.70 22.80 16.93
CA ASP A 76 -8.79 23.70 16.54
C ASP A 76 -10.19 23.16 16.88
N ILE A 77 -10.40 22.86 18.15
CA ILE A 77 -11.70 22.46 18.68
C ILE A 77 -11.80 22.96 20.13
N PRO A 78 -13.01 22.98 20.67
CA PRO A 78 -13.19 23.19 22.11
C PRO A 78 -12.54 22.07 22.90
N ARG A 79 -11.93 22.43 24.01
CA ARG A 79 -11.21 21.52 24.87
C ARG A 79 -12.05 20.27 25.14
N GLU A 80 -13.34 20.44 25.43
CA GLU A 80 -14.22 19.33 25.79
C GLU A 80 -14.34 18.26 24.70
N ASP A 81 -14.19 18.66 23.45
CA ASP A 81 -14.32 17.75 22.31
C ASP A 81 -13.12 16.81 22.08
N LEU A 82 -11.99 17.06 22.74
CA LEU A 82 -10.86 16.12 22.62
C LEU A 82 -11.29 14.71 23.00
N SER A 83 -12.13 14.59 24.02
CA SER A 83 -12.57 13.30 24.56
C SER A 83 -13.31 12.43 23.52
N LEU A 84 -13.80 13.05 22.45
CA LEU A 84 -14.46 12.30 21.36
C LEU A 84 -13.48 11.57 20.44
N ARG A 85 -12.20 11.90 20.54
CA ARG A 85 -11.14 11.27 19.79
C ARG A 85 -10.37 10.32 20.70
N ARG A 86 -10.94 9.14 20.93
CA ARG A 86 -10.40 8.22 21.91
C ARG A 86 -9.01 7.71 21.50
N ASP A 87 -8.76 7.65 20.20
CA ASP A 87 -7.44 7.31 19.66
C ASP A 87 -6.38 8.34 20.05
N VAL A 88 -6.72 9.61 19.86
CA VAL A 88 -5.82 10.70 20.19
C VAL A 88 -5.56 10.72 21.69
N MET A 89 -6.61 10.54 22.48
CA MET A 89 -6.46 10.55 23.93
C MET A 89 -5.44 9.48 24.36
N TYR A 90 -5.49 8.33 23.70
CA TYR A 90 -4.57 7.22 24.01
C TYR A 90 -3.12 7.55 23.68
N VAL A 91 -2.89 8.16 22.52
CA VAL A 91 -1.54 8.51 22.11
C VAL A 91 -0.96 9.59 23.05
N LEU A 92 -1.77 10.56 23.42
CA LEU A 92 -1.33 11.59 24.35
C LEU A 92 -0.99 11.00 25.73
N GLU A 93 -1.84 10.12 26.24
CA GLU A 93 -1.61 9.45 27.53
C GLU A 93 -0.29 8.68 27.51
N LYS A 94 0.02 8.06 26.38
CA LYS A 94 1.25 7.29 26.20
C LYS A 94 2.52 8.15 26.23
N LEU A 95 2.42 9.37 25.70
CA LEU A 95 3.54 10.30 25.73
C LEU A 95 3.52 11.17 26.98
N LYS A 96 2.53 10.92 27.85
CA LYS A 96 2.31 11.69 29.08
C LYS A 96 2.05 13.18 28.80
N ILE A 97 1.37 13.45 27.69
CA ILE A 97 0.88 14.81 27.41
C ILE A 97 -0.50 14.99 28.03
N LYS A 98 -0.58 15.91 28.98
CA LYS A 98 -1.82 16.18 29.70
C LYS A 98 -2.65 17.20 28.95
N GLU A 99 -3.98 17.06 29.02
CA GLU A 99 -4.85 18.01 28.35
C GLU A 99 -4.60 19.44 28.84
N GLU A 100 -4.22 19.60 30.10
CA GLU A 100 -3.97 20.95 30.64
C GLU A 100 -2.70 21.60 30.08
N GLU A 101 -1.85 20.78 29.45
CA GLU A 101 -0.65 21.24 28.74
C GLU A 101 -0.92 21.62 27.28
N LEU A 102 -2.14 21.40 26.78
CA LEU A 102 -2.48 21.67 25.39
C LEU A 102 -3.26 22.97 25.23
N PHE A 103 -3.34 23.43 23.99
CA PHE A 103 -3.98 24.69 23.67
C PHE A 103 -5.10 24.43 22.68
N PHE A 104 -6.33 24.76 23.08
CA PHE A 104 -7.52 24.55 22.26
C PHE A 104 -8.10 25.90 21.83
N ILE A 105 -9.29 25.91 21.25
CA ILE A 105 -9.92 27.17 20.80
C ILE A 105 -10.02 28.16 21.98
N GLU A 106 -10.45 27.69 23.15
CA GLU A 106 -10.57 28.56 24.31
C GLU A 106 -9.23 29.23 24.66
N ASP A 107 -8.16 28.44 24.61
CA ASP A 107 -6.81 28.95 24.89
C ASP A 107 -6.35 29.96 23.88
N LEU A 108 -6.64 29.74 22.60
CA LEU A 108 -6.30 30.68 21.54
C LEU A 108 -7.08 31.99 21.72
N LYS A 109 -8.35 31.88 22.10
CA LYS A 109 -9.15 33.08 22.42
C LYS A 109 -8.55 33.86 23.60
N SER A 110 -8.11 33.16 24.64
CA SER A 110 -7.48 33.78 25.82
C SER A 110 -6.18 34.49 25.46
N LEU A 111 -5.40 33.88 24.56
CA LEU A 111 -4.16 34.48 24.07
C LEU A 111 -4.46 35.79 23.32
N LYS A 112 -5.44 35.75 22.42
CA LYS A 112 -5.82 36.91 21.61
C LYS A 112 -6.29 38.06 22.50
N GLN A 113 -6.97 37.71 23.58
CA GLN A 113 -7.55 38.66 24.53
C GLN A 113 -6.50 39.26 25.47
N ASN A 114 -5.51 38.46 25.84
CA ASN A 114 -4.54 38.84 26.88
C ASN A 114 -3.20 39.36 26.30
N VAL A 115 -3.03 39.28 24.99
CA VAL A 115 -1.83 39.82 24.35
C VAL A 115 -2.02 41.33 24.22
N SER A 116 -0.92 42.09 24.14
CA SER A 116 -1.02 43.55 23.96
C SER A 116 -1.81 43.87 22.68
N GLN A 117 -2.58 44.96 22.69
CA GLN A 117 -3.59 45.19 21.63
C GLN A 117 -3.06 45.36 20.18
N GLY A 118 -1.78 45.72 20.04
CA GLY A 118 -1.17 45.88 18.71
C GLY A 118 -0.33 44.69 18.24
N THR A 119 -0.49 43.55 18.92
CA THR A 119 0.24 42.34 18.57
C THR A 119 -0.45 41.61 17.41
N GLU A 120 0.33 41.29 16.37
CA GLU A 120 -0.17 40.52 15.24
C GLU A 120 -0.15 39.03 15.62
N LEU A 121 -1.18 38.30 15.23
CA LEU A 121 -1.24 36.86 15.46
C LEU A 121 -1.02 36.15 14.13
N ASN A 122 0.15 35.57 13.94
CA ASN A 122 0.48 34.86 12.71
C ASN A 122 0.46 33.34 12.93
N SER A 123 0.24 32.60 11.86
CA SER A 123 0.06 31.17 11.95
C SER A 123 0.79 30.39 10.89
N TYR A 124 1.43 29.30 11.31
CA TYR A 124 1.76 28.20 10.43
C TYR A 124 0.53 27.33 10.27
N LEU A 125 0.34 26.75 9.10
CA LEU A 125 -0.74 25.79 8.88
C LEU A 125 -0.13 24.43 8.62
N VAL A 126 -0.62 23.44 9.34
CA VAL A 126 -0.28 22.06 9.03
C VAL A 126 -1.57 21.32 8.77
N ASP A 127 -1.53 20.37 7.85
CA ASP A 127 -2.68 19.51 7.60
C ASP A 127 -3.89 20.29 7.05
N ASN A 128 -3.61 21.50 6.56
CA ASN A 128 -4.48 22.30 5.72
C ASN A 128 -3.65 23.42 5.09
N ASN A 129 -4.14 24.04 4.01
CA ASN A 129 -3.36 25.07 3.34
C ASN A 129 -4.09 26.40 3.19
N ASP A 130 -5.26 26.51 3.82
CA ASP A 130 -5.87 27.80 4.10
C ASP A 130 -6.40 27.77 5.53
N THR A 131 -6.51 28.96 6.13
CA THR A 131 -6.91 29.10 7.52
C THR A 131 -8.29 28.51 7.77
N PRO A 132 -8.44 27.68 8.79
CA PRO A 132 -9.78 27.22 9.18
C PRO A 132 -10.73 28.40 9.31
N LYS A 133 -11.95 28.26 8.79
CA LYS A 133 -12.90 29.37 8.73
C LYS A 133 -13.18 29.98 10.11
N ASN A 134 -13.29 29.11 11.12
CA ASN A 134 -13.61 29.55 12.48
C ASN A 134 -12.52 30.42 13.13
N LEU A 135 -11.31 30.35 12.58
CA LEU A 135 -10.18 31.13 13.07
C LEU A 135 -9.83 32.33 12.20
N LYS A 136 -10.59 32.57 11.14
CA LYS A 136 -10.26 33.64 10.18
C LYS A 136 -10.17 35.01 10.85
N ASN A 137 -10.95 35.22 11.90
CA ASN A 137 -10.99 36.48 12.62
C ASN A 137 -9.86 36.63 13.64
N TYR A 138 -9.14 35.55 13.92
CA TYR A 138 -8.07 35.54 14.91
C TYR A 138 -6.68 35.64 14.27
N ILE A 139 -6.51 35.02 13.11
CA ILE A 139 -5.22 34.96 12.45
C ILE A 139 -5.04 36.12 11.47
N ASP A 140 -4.01 36.93 11.70
CA ASP A 140 -3.65 38.04 10.81
C ASP A 140 -2.94 37.63 9.52
N ASN A 141 -1.89 36.81 9.63
CA ASN A 141 -1.10 36.36 8.47
C ASN A 141 -0.78 34.85 8.55
N VAL A 142 -0.80 34.16 7.41
CA VAL A 142 -0.26 32.81 7.30
C VAL A 142 1.21 32.94 6.93
N VAL A 143 2.09 32.33 7.72
CA VAL A 143 3.52 32.48 7.47
C VAL A 143 4.21 31.28 6.83
N GLY A 144 3.62 30.09 6.98
CA GLY A 144 4.19 28.85 6.49
C GLY A 144 3.14 27.75 6.43
N ILE A 145 3.36 26.74 5.57
CA ILE A 145 2.38 25.67 5.33
C ILE A 145 3.10 24.36 5.08
N ILE A 146 2.63 23.28 5.72
CA ILE A 146 2.97 21.93 5.30
C ILE A 146 1.69 21.13 5.33
N ASP A 147 1.32 20.55 4.19
CA ASP A 147 0.03 19.88 4.06
C ASP A 147 0.10 18.82 2.97
N HIS A 148 -0.95 17.97 2.91
CA HIS A 148 -1.07 16.88 1.94
C HIS A 148 -2.49 16.78 1.35
N HIS A 149 -3.25 17.87 1.44
CA HIS A 149 -4.59 17.96 0.85
C HIS A 149 -4.50 18.74 -0.45
N PHE A 150 -5.59 18.71 -1.22
CA PHE A 150 -5.73 19.53 -2.42
C PHE A 150 -5.23 20.95 -2.18
N ASP A 151 -4.33 21.40 -3.05
CA ASP A 151 -3.71 22.72 -2.93
C ASP A 151 -4.64 23.82 -3.48
N LEU A 152 -5.13 24.66 -2.57
CA LEU A 152 -5.99 25.80 -2.90
C LEU A 152 -5.27 27.00 -3.51
N GLN A 153 -3.94 26.91 -3.61
CA GLN A 153 -3.06 27.91 -4.21
C GLN A 153 -3.12 29.30 -3.59
N LYS A 154 -3.32 29.33 -2.28
CA LYS A 154 -3.30 30.56 -1.49
C LYS A 154 -1.98 30.65 -0.70
N HIS A 155 -1.63 31.86 -0.28
CA HIS A 155 -0.44 32.09 0.54
C HIS A 155 0.79 31.52 -0.12
N LEU A 156 0.99 31.91 -1.38
CA LEU A 156 2.08 31.35 -2.17
C LEU A 156 3.45 31.82 -1.71
N ASP A 157 3.48 32.85 -0.88
CA ASP A 157 4.75 33.34 -0.32
C ASP A 157 5.08 32.70 1.03
N ALA A 158 4.24 31.78 1.50
CA ALA A 158 4.47 31.08 2.76
C ALA A 158 5.84 30.41 2.74
N GLU A 159 6.51 30.40 3.90
CA GLU A 159 7.82 29.75 4.06
C GLU A 159 7.85 28.96 5.39
N PRO A 160 8.00 27.64 5.35
CA PRO A 160 8.01 26.82 4.12
C PRO A 160 6.64 26.78 3.46
N ARG A 161 6.57 26.25 2.24
CA ARG A 161 5.30 25.93 1.60
C ARG A 161 5.41 24.58 0.92
N ILE A 162 4.99 23.55 1.65
CA ILE A 162 5.06 22.17 1.18
C ILE A 162 3.62 21.68 1.13
N VAL A 163 3.12 21.42 -0.07
CA VAL A 163 1.80 20.83 -0.23
C VAL A 163 2.02 19.74 -1.23
N LYS A 164 2.12 18.51 -0.70
CA LYS A 164 2.57 17.36 -1.49
C LYS A 164 1.81 16.11 -1.09
N VAL A 165 1.78 15.12 -1.98
CA VAL A 165 1.12 13.86 -1.68
C VAL A 165 1.83 13.16 -0.52
N SER A 166 1.03 12.64 0.40
CA SER A 166 1.53 11.95 1.58
C SER A 166 0.39 11.21 2.22
N GLY A 167 0.66 9.99 2.68
CA GLY A 167 -0.35 9.28 3.44
C GLY A 167 -0.74 10.08 4.68
N SER A 168 0.28 10.67 5.32
CA SER A 168 0.11 11.44 6.54
C SER A 168 0.89 12.76 6.43
N CYS A 169 0.24 13.88 6.78
CA CYS A 169 0.95 15.16 6.88
C CYS A 169 2.10 15.09 7.86
N SER A 170 1.91 14.29 8.91
CA SER A 170 2.91 14.16 9.95
C SER A 170 4.27 13.69 9.37
N SER A 171 4.24 12.87 8.34
CA SER A 171 5.46 12.44 7.64
C SER A 171 6.23 13.61 7.03
N LEU A 172 5.51 14.49 6.34
CA LEU A 172 6.09 15.67 5.74
C LEU A 172 6.67 16.62 6.78
N VAL A 173 5.95 16.84 7.87
CA VAL A 173 6.43 17.70 8.96
C VAL A 173 7.71 17.11 9.57
N PHE A 174 7.64 15.83 9.84
CA PHE A 174 8.76 15.15 10.46
C PHE A 174 10.02 15.21 9.60
N ASN A 175 9.88 14.91 8.31
CA ASN A 175 11.01 14.87 7.39
C ASN A 175 11.64 16.24 7.21
N TYR A 176 10.80 17.26 7.11
CA TYR A 176 11.25 18.65 7.00
C TYR A 176 12.11 19.02 8.20
N TRP A 177 11.62 18.69 9.40
CA TRP A 177 12.35 19.04 10.63
C TRP A 177 13.56 18.14 10.90
N TYR A 178 13.45 16.87 10.56
CA TYR A 178 14.58 15.93 10.64
C TYR A 178 15.82 16.44 9.91
N GLU A 179 15.64 16.94 8.69
CA GLU A 179 16.76 17.48 7.91
C GLU A 179 17.38 18.70 8.61
N LYS A 180 16.55 19.64 9.04
CA LYS A 180 17.00 20.85 9.72
C LYS A 180 17.72 20.56 11.05
N LEU A 181 17.34 19.46 11.70
CA LEU A 181 17.93 19.04 12.96
C LEU A 181 19.03 17.98 12.80
N GLN A 182 19.44 17.74 11.56
CA GLN A 182 20.47 16.76 11.23
C GLN A 182 20.20 15.41 11.92
N GLY A 183 18.94 15.01 11.94
CA GLY A 183 18.57 13.68 12.38
C GLY A 183 18.68 13.43 13.86
N ASP A 184 18.67 14.51 14.65
CA ASP A 184 18.82 14.47 16.10
C ASP A 184 18.03 13.32 16.74
N ARG A 185 18.76 12.34 17.27
CA ARG A 185 18.13 11.10 17.74
C ARG A 185 17.29 11.31 18.98
N GLU A 186 17.69 12.24 19.82
CA GLU A 186 16.89 12.57 21.00
C GLU A 186 15.53 13.15 20.58
N VAL A 187 15.52 14.04 19.59
CA VAL A 187 14.26 14.60 19.10
C VAL A 187 13.40 13.51 18.52
N VAL A 188 13.98 12.66 17.67
CA VAL A 188 13.23 11.54 17.10
C VAL A 188 12.60 10.68 18.20
N MET A 189 13.37 10.28 19.21
CA MET A 189 12.81 9.49 20.30
C MET A 189 11.62 10.21 20.95
N ASN A 190 11.78 11.52 21.18
CA ASN A 190 10.78 12.31 21.90
C ASN A 190 9.44 12.48 21.15
N ILE A 191 9.47 12.46 19.82
CA ILE A 191 8.26 12.70 19.03
C ILE A 191 7.70 11.45 18.35
N ALA A 192 8.47 10.35 18.34
CA ALA A 192 8.11 9.20 17.51
C ALA A 192 6.77 8.56 17.82
N PRO A 193 6.37 8.42 19.09
CA PRO A 193 5.06 7.86 19.40
C PRO A 193 3.90 8.69 18.86
N LEU A 194 4.04 10.01 18.95
CA LEU A 194 3.00 10.90 18.44
C LEU A 194 2.98 10.86 16.91
N LEU A 195 4.17 10.95 16.31
CA LEU A 195 4.34 10.88 14.86
C LEU A 195 3.83 9.56 14.28
N MET A 196 4.23 8.45 14.89
CA MET A 196 3.80 7.14 14.46
C MET A 196 2.29 6.94 14.63
N GLY A 197 1.70 7.52 15.66
CA GLY A 197 0.25 7.49 15.83
C GLY A 197 -0.46 8.01 14.59
N ALA A 198 -0.01 9.16 14.09
CA ALA A 198 -0.58 9.75 12.87
C ALA A 198 -0.27 8.91 11.64
N ILE A 199 1.00 8.58 11.43
CA ILE A 199 1.38 7.88 10.20
C ILE A 199 0.68 6.53 10.11
N LEU A 200 0.66 5.78 11.21
CA LEU A 200 0.11 4.44 11.17
C LEU A 200 -1.41 4.46 11.02
N ILE A 201 -2.09 5.42 11.65
CA ILE A 201 -3.55 5.44 11.48
C ILE A 201 -3.90 5.91 10.06
N ASP A 202 -3.14 6.86 9.55
CA ASP A 202 -3.41 7.41 8.22
C ASP A 202 -3.16 6.42 7.07
N THR A 203 -2.22 5.50 7.27
CA THR A 203 -1.84 4.54 6.23
C THR A 203 -2.31 3.11 6.55
N SER A 204 -3.19 2.95 7.53
CA SER A 204 -3.65 1.65 8.00
C SER A 204 -2.46 0.72 8.21
N ASN A 205 -1.53 1.17 9.06
CA ASN A 205 -0.28 0.46 9.35
C ASN A 205 0.63 0.23 8.13
N MET A 206 0.83 1.28 7.36
CA MET A 206 1.69 1.31 6.17
C MET A 206 1.29 0.29 5.10
N ARG A 207 -0.01 0.09 4.95
CA ARG A 207 -0.57 -0.81 3.95
C ARG A 207 -1.48 -0.12 2.93
N ARG A 208 -1.77 1.16 3.16
CA ARG A 208 -2.65 1.96 2.28
C ARG A 208 -2.24 3.42 2.28
N LYS A 209 -2.38 4.09 1.13
CA LYS A 209 -2.05 5.51 0.95
C LYS A 209 -0.58 5.85 1.21
N VAL A 210 0.30 4.85 1.12
CA VAL A 210 1.70 5.05 1.43
C VAL A 210 2.41 5.81 0.31
N GLU A 211 3.15 6.85 0.67
CA GLU A 211 3.98 7.61 -0.23
C GLU A 211 5.42 7.56 0.25
N GLU A 212 6.31 8.08 -0.57
CA GLU A 212 7.75 8.10 -0.23
C GLU A 212 8.04 8.83 1.08
N SER A 213 7.29 9.90 1.35
CA SER A 213 7.39 10.65 2.61
C SER A 213 7.17 9.76 3.82
N ASP A 214 6.10 8.96 3.79
CA ASP A 214 5.78 8.06 4.88
C ASP A 214 6.85 6.99 5.05
N LYS A 215 7.33 6.41 3.95
CA LYS A 215 8.34 5.36 4.00
C LYS A 215 9.62 5.90 4.64
N LEU A 216 9.99 7.13 4.29
CA LEU A 216 11.22 7.74 4.82
C LEU A 216 11.07 8.08 6.30
N ALA A 217 9.92 8.62 6.69
CA ALA A 217 9.66 8.92 8.10
C ALA A 217 9.71 7.66 8.98
N ILE A 218 9.11 6.58 8.49
CA ILE A 218 9.13 5.32 9.21
C ILE A 218 10.56 4.77 9.29
N GLU A 219 11.31 4.86 8.20
CA GLU A 219 12.70 4.36 8.16
C GLU A 219 13.57 5.08 9.20
N ARG A 220 13.41 6.38 9.32
CA ARG A 220 14.16 7.20 10.26
C ARG A 220 13.82 6.86 11.73
N CYS A 221 12.55 6.67 12.01
CA CYS A 221 12.11 6.25 13.34
C CYS A 221 12.66 4.88 13.71
N GLN A 222 12.59 3.92 12.78
CA GLN A 222 13.10 2.56 13.01
C GLN A 222 14.59 2.59 13.34
N ALA A 223 15.34 3.38 12.58
CA ALA A 223 16.79 3.50 12.78
C ALA A 223 17.14 4.01 14.16
N VAL A 224 16.38 4.96 14.65
CA VAL A 224 16.60 5.53 15.99
C VAL A 224 16.12 4.57 17.08
N LEU A 225 14.92 4.01 16.92
CA LEU A 225 14.32 3.18 17.97
C LEU A 225 15.05 1.84 18.11
N SER A 226 15.78 1.43 17.09
CA SER A 226 16.56 0.18 17.11
C SER A 226 17.96 0.40 17.70
N GLY A 227 18.53 1.57 17.40
CA GLY A 227 19.88 1.91 17.83
C GLY A 227 20.88 0.98 17.19
N ALA A 228 22.12 0.99 17.71
CA ALA A 228 23.17 0.07 17.28
C ALA A 228 22.83 -1.39 17.61
N VAL A 229 22.47 -2.16 16.59
CA VAL A 229 22.24 -3.61 16.72
C VAL A 229 22.92 -4.42 15.61
N ASN A 230 23.30 -5.65 15.92
CA ASN A 230 23.93 -6.55 14.93
C ASN A 230 22.89 -7.06 13.94
N GLU A 231 21.72 -7.36 14.45
CA GLU A 231 20.65 -8.01 13.72
C GLU A 231 19.33 -7.27 14.01
N VAL A 232 18.51 -7.08 13.00
CA VAL A 232 17.21 -6.44 13.18
C VAL A 232 16.18 -7.53 13.43
N SER A 233 15.60 -7.54 14.61
CA SER A 233 14.59 -8.51 14.98
C SER A 233 13.19 -8.02 14.54
N ALA A 234 12.21 -8.89 14.70
CA ALA A 234 10.82 -8.58 14.36
C ALA A 234 10.12 -7.75 15.43
N GLN A 235 10.79 -7.52 16.57
CA GLN A 235 10.16 -6.86 17.72
C GLN A 235 9.62 -5.47 17.43
N GLY A 236 10.39 -4.64 16.73
CA GLY A 236 10.02 -3.26 16.44
C GLY A 236 8.73 -3.19 15.64
N LEU A 237 8.63 -4.00 14.59
CA LEU A 237 7.41 -4.03 13.78
C LEU A 237 6.23 -4.64 14.55
N GLU A 238 6.50 -5.60 15.40
CA GLU A 238 5.46 -6.20 16.25
C GLU A 238 4.90 -5.15 17.20
N ASP A 239 5.78 -4.36 17.78
CA ASP A 239 5.39 -3.29 18.69
C ASP A 239 4.59 -2.23 17.94
N SER A 240 4.97 -1.91 16.71
CA SER A 240 4.20 -0.96 15.89
C SER A 240 2.81 -1.51 15.60
N SER A 241 2.73 -2.80 15.28
CA SER A 241 1.44 -3.48 15.10
C SER A 241 0.53 -3.39 16.32
N GLU A 242 1.07 -3.65 17.52
CA GLU A 242 0.25 -3.60 18.73
C GLU A 242 -0.24 -2.17 18.96
N PHE A 243 0.63 -1.19 18.67
CA PHE A 243 0.32 0.24 18.86
C PHE A 243 -0.80 0.63 17.89
N TYR A 244 -0.68 0.20 16.64
CA TYR A 244 -1.69 0.45 15.62
C TYR A 244 -3.06 -0.11 16.02
N LYS A 245 -3.07 -1.34 16.50
CA LYS A 245 -4.32 -1.97 16.93
C LYS A 245 -4.97 -1.17 18.04
N GLU A 246 -4.19 -0.68 19.00
CA GLU A 246 -4.72 0.13 20.09
C GLU A 246 -5.35 1.42 19.60
N ILE A 247 -4.64 2.11 18.71
CA ILE A 247 -5.18 3.38 18.19
C ILE A 247 -6.37 3.16 17.27
N LYS A 248 -6.29 2.18 16.39
CA LYS A 248 -7.37 1.88 15.44
C LYS A 248 -8.68 1.47 16.14
N SER A 249 -8.57 0.62 17.17
CA SER A 249 -9.75 0.18 17.90
C SER A 249 -10.44 1.36 18.57
N ARG A 250 -9.63 2.31 19.04
CA ARG A 250 -10.14 3.49 19.74
C ARG A 250 -10.74 4.47 18.75
N LYS A 251 -10.14 4.63 17.56
CA LYS A 251 -10.74 5.48 16.53
C LYS A 251 -12.11 4.90 16.11
N ASN A 252 -12.17 3.58 16.07
CA ASN A 252 -13.38 2.85 15.68
C ASN A 252 -14.45 2.79 16.79
N ASP A 253 -14.16 3.35 17.96
CA ASP A 253 -15.05 3.24 19.13
C ASP A 253 -15.85 4.53 19.36
N ILE A 254 -17.10 4.54 18.92
CA ILE A 254 -18.02 5.65 19.14
C ILE A 254 -19.22 5.24 20.03
N LYS A 255 -19.08 4.11 20.74
CA LYS A 255 -20.11 3.67 21.70
C LYS A 255 -20.25 4.69 22.82
N GLY A 256 -21.49 5.02 23.17
CA GLY A 256 -21.73 6.01 24.20
C GLY A 256 -21.75 7.47 23.76
N PHE A 257 -21.37 7.77 22.51
CA PHE A 257 -21.42 9.13 22.01
C PHE A 257 -22.86 9.44 21.57
N SER A 258 -23.24 10.71 21.61
CA SER A 258 -24.50 11.20 21.06
C SER A 258 -24.38 11.29 19.52
N VAL A 259 -25.51 11.39 18.83
CA VAL A 259 -25.51 11.64 17.40
C VAL A 259 -24.72 12.92 17.11
N SER A 260 -25.00 13.99 17.86
CA SER A 260 -24.29 15.26 17.70
C SER A 260 -22.75 15.08 17.79
N ASP A 261 -22.32 14.36 18.82
CA ASP A 261 -20.91 13.99 19.01
C ASP A 261 -20.33 13.29 17.78
N ILE A 262 -21.05 12.28 17.29
CA ILE A 262 -20.59 11.50 16.15
C ILE A 262 -20.48 12.37 14.90
N LEU A 263 -21.48 13.23 14.68
CA LEU A 263 -21.45 14.15 13.54
C LEU A 263 -20.35 15.19 13.61
N LYS A 264 -20.04 15.69 14.82
CA LYS A 264 -19.07 16.77 14.96
C LYS A 264 -17.62 16.33 15.16
N LYS A 265 -17.39 15.05 15.44
CA LYS A 265 -16.06 14.61 15.84
C LYS A 265 -15.03 14.48 14.69
N ASP A 266 -15.53 14.35 13.46
CA ASP A 266 -14.68 14.33 12.27
C ASP A 266 -15.41 14.98 11.12
N TYR A 267 -15.49 16.31 11.21
CA TYR A 267 -16.43 17.10 10.43
C TYR A 267 -15.71 18.25 9.71
N LYS A 268 -16.11 18.52 8.46
CA LYS A 268 -15.61 19.64 7.69
C LYS A 268 -16.77 20.34 6.99
N GLN A 269 -16.65 21.67 6.89
CA GLN A 269 -17.68 22.52 6.30
C GLN A 269 -17.09 23.36 5.14
N PHE A 270 -17.90 23.58 4.12
CA PHE A 270 -17.47 24.28 2.91
C PHE A 270 -18.61 25.17 2.40
N ASN A 271 -18.26 26.18 1.62
CA ASN A 271 -19.20 26.94 0.84
C ASN A 271 -18.82 26.82 -0.63
N PHE A 272 -19.62 26.08 -1.39
CA PHE A 272 -19.38 25.87 -2.82
C PHE A 272 -19.94 27.06 -3.61
N GLN A 273 -19.20 27.52 -4.61
CA GLN A 273 -19.72 28.55 -5.51
C GLN A 273 -20.33 27.90 -6.75
N GLY A 274 -21.48 28.44 -7.17
CA GLY A 274 -22.19 27.95 -8.35
C GLY A 274 -22.40 29.09 -9.33
N LYS A 275 -23.51 29.01 -10.07
CA LYS A 275 -23.86 30.02 -11.07
C LYS A 275 -24.60 31.21 -10.41
N GLY A 276 -25.22 30.96 -9.26
CA GLY A 276 -25.80 32.01 -8.46
C GLY A 276 -24.72 32.60 -7.58
N HIS A 277 -24.86 33.87 -7.20
CA HIS A 277 -23.87 34.50 -6.32
C HIS A 277 -23.98 33.99 -4.89
N LYS A 278 -25.13 33.37 -4.56
CA LYS A 278 -25.27 32.65 -3.29
C LYS A 278 -24.64 31.25 -3.40
N GLY A 279 -23.83 30.92 -2.40
CA GLY A 279 -23.16 29.63 -2.38
C GLY A 279 -24.01 28.57 -1.72
N LEU A 280 -23.44 27.37 -1.62
CA LEU A 280 -24.06 26.24 -0.96
C LEU A 280 -23.23 25.95 0.28
N GLU A 281 -23.84 26.12 1.46
CA GLU A 281 -23.21 25.74 2.72
C GLU A 281 -23.45 24.24 2.94
N ILE A 282 -22.36 23.48 2.97
CA ILE A 282 -22.44 22.04 3.04
C ILE A 282 -21.44 21.52 4.08
N GLY A 283 -21.91 20.62 4.94
CA GLY A 283 -21.10 19.98 5.95
C GLY A 283 -20.99 18.51 5.67
N LEU A 284 -19.83 17.92 5.97
CA LEU A 284 -19.60 16.50 5.74
C LEU A 284 -18.98 15.86 6.98
N SER A 285 -19.68 14.87 7.55
CA SER A 285 -19.25 14.11 8.72
C SER A 285 -18.74 12.75 8.24
N SER A 286 -17.53 12.38 8.68
CA SER A 286 -16.96 11.09 8.33
C SER A 286 -17.11 10.21 9.56
N ILE A 287 -17.70 9.02 9.39
CA ILE A 287 -18.09 8.17 10.51
C ILE A 287 -17.59 6.72 10.30
N VAL A 288 -17.25 6.04 11.38
CA VAL A 288 -16.55 4.74 11.33
C VAL A 288 -17.46 3.52 11.49
N LYS A 289 -18.78 3.73 11.61
CA LYS A 289 -19.77 2.65 11.68
C LYS A 289 -20.86 2.86 10.64
N ARG A 290 -21.46 1.76 10.22
CA ARG A 290 -22.52 1.78 9.19
C ARG A 290 -23.84 2.32 9.75
N MET A 291 -24.71 2.76 8.85
CA MET A 291 -25.98 3.37 9.23
C MET A 291 -26.84 2.46 10.10
N SER A 292 -26.89 1.17 9.80
CA SER A 292 -27.74 0.26 10.59
C SER A 292 -27.28 0.22 12.05
N TRP A 293 -25.96 0.27 12.26
CA TRP A 293 -25.39 0.30 13.59
C TRP A 293 -25.76 1.61 14.26
N LEU A 294 -25.60 2.71 13.54
CA LEU A 294 -25.93 4.02 14.07
C LEU A 294 -27.40 4.10 14.49
N PHE A 295 -28.29 3.59 13.65
CA PHE A 295 -29.72 3.58 13.96
C PHE A 295 -29.96 2.79 15.24
N ASN A 296 -29.44 1.56 15.31
CA ASN A 296 -29.67 0.68 16.46
C ASN A 296 -29.18 1.25 17.81
N GLU A 297 -28.10 2.02 17.77
CA GLU A 297 -27.54 2.66 18.97
C GLU A 297 -28.22 3.96 19.35
N HIS A 298 -29.05 4.52 18.46
CA HIS A 298 -29.62 5.84 18.70
C HIS A 298 -31.14 5.93 18.54
N GLY A 299 -31.85 4.88 18.94
CA GLY A 299 -33.30 4.90 19.05
C GLY A 299 -34.03 4.59 17.76
N GLY A 300 -33.30 4.14 16.75
CA GLY A 300 -33.88 3.78 15.46
C GLY A 300 -33.68 4.86 14.41
N GLU A 301 -33.96 4.51 13.16
CA GLU A 301 -33.77 5.40 12.01
C GLU A 301 -34.36 6.80 12.17
N ALA A 302 -35.62 6.88 12.59
CA ALA A 302 -36.34 8.15 12.65
C ALA A 302 -35.70 9.10 13.65
N ASP A 303 -35.40 8.57 14.84
CA ASP A 303 -34.73 9.30 15.90
C ASP A 303 -33.40 9.84 15.39
N PHE A 304 -32.63 8.97 14.74
CA PHE A 304 -31.29 9.31 14.26
C PHE A 304 -31.38 10.44 13.22
N VAL A 305 -32.28 10.28 12.26
CA VAL A 305 -32.43 11.27 11.20
C VAL A 305 -32.87 12.62 11.78
N ASN A 306 -33.74 12.60 12.79
CA ASN A 306 -34.15 13.84 13.46
C ASN A 306 -32.94 14.56 14.06
N GLN A 307 -32.05 13.81 14.69
CA GLN A 307 -30.84 14.39 15.28
C GLN A 307 -29.91 14.96 14.21
N CYS A 308 -29.86 14.31 13.04
CA CYS A 308 -29.12 14.85 11.91
C CYS A 308 -29.69 16.16 11.44
N ARG A 309 -31.01 16.25 11.35
CA ARG A 309 -31.66 17.47 10.90
C ARG A 309 -31.40 18.58 11.90
N ARG A 310 -31.38 18.23 13.19
CA ARG A 310 -31.09 19.20 14.22
C ARG A 310 -29.69 19.78 14.08
N PHE A 311 -28.73 18.91 13.82
CA PHE A 311 -27.34 19.30 13.62
C PHE A 311 -27.19 20.18 12.38
N GLN A 312 -27.89 19.83 11.31
CA GLN A 312 -27.90 20.62 10.09
C GLN A 312 -28.34 22.05 10.37
N ALA A 313 -29.49 22.21 11.04
CA ALA A 313 -30.07 23.53 11.33
C ALA A 313 -29.15 24.37 12.22
N GLU A 314 -28.62 23.72 13.26
CA GLU A 314 -27.64 24.36 14.17
C GLU A 314 -26.40 24.92 13.47
N ARG A 315 -25.88 24.20 12.47
CA ARG A 315 -24.67 24.64 11.74
C ARG A 315 -25.03 25.46 10.48
N GLY A 316 -26.31 25.73 10.26
CA GLY A 316 -26.74 26.58 9.15
C GLY A 316 -26.51 26.00 7.77
N LEU A 317 -26.65 24.68 7.65
CA LEU A 317 -26.29 24.00 6.44
C LEU A 317 -27.47 23.90 5.51
N ASP A 318 -27.22 24.17 4.24
CA ASP A 318 -28.13 23.78 3.18
C ASP A 318 -28.12 22.28 2.97
N VAL A 319 -26.94 21.66 3.10
CA VAL A 319 -26.75 20.23 2.86
C VAL A 319 -25.84 19.64 3.94
N LEU A 320 -26.25 18.50 4.49
CA LEU A 320 -25.42 17.71 5.39
C LEU A 320 -25.22 16.35 4.72
N VAL A 321 -23.97 15.91 4.64
CA VAL A 321 -23.63 14.59 4.10
C VAL A 321 -22.93 13.77 5.17
N LEU A 322 -23.32 12.51 5.30
CA LEU A 322 -22.61 11.57 6.15
C LEU A 322 -21.94 10.54 5.28
N LEU A 323 -20.66 10.28 5.56
CA LEU A 323 -19.88 9.31 4.82
C LEU A 323 -19.42 8.27 5.84
N THR A 324 -19.92 7.05 5.71
CA THR A 324 -19.51 5.98 6.60
C THR A 324 -18.50 5.10 5.87
N SER A 325 -17.61 4.50 6.64
CA SER A 325 -16.73 3.48 6.09
C SER A 325 -16.39 2.48 7.18
N TRP A 326 -16.34 1.22 6.80
CA TRP A 326 -15.91 0.17 7.71
C TRP A 326 -15.33 -1.00 6.94
N ARG A 327 -14.79 -1.94 7.70
CA ARG A 327 -14.20 -3.14 7.19
C ARG A 327 -14.78 -4.34 7.92
N LYS A 328 -15.18 -5.36 7.16
CA LYS A 328 -15.57 -6.64 7.74
CA LYS A 328 -15.62 -6.64 7.73
C LYS A 328 -15.17 -7.78 6.80
N ALA A 329 -14.61 -8.85 7.38
CA ALA A 329 -14.19 -10.02 6.60
C ALA A 329 -13.18 -9.68 5.49
N GLY A 330 -12.32 -8.70 5.75
CA GLY A 330 -11.33 -8.27 4.79
C GLY A 330 -11.89 -7.53 3.59
N ASP A 331 -13.06 -6.91 3.76
CA ASP A 331 -13.74 -6.18 2.69
C ASP A 331 -14.09 -4.76 3.16
N SER A 332 -13.79 -3.77 2.34
CA SER A 332 -14.13 -2.38 2.67
C SER A 332 -15.53 -2.05 2.16
N HIS A 333 -16.28 -1.28 2.95
CA HIS A 333 -17.61 -0.80 2.57
C HIS A 333 -17.74 0.69 2.90
N ARG A 334 -18.58 1.39 2.15
CA ARG A 334 -18.90 2.80 2.40
C ARG A 334 -20.37 3.05 2.15
N GLU A 335 -20.91 4.03 2.86
CA GLU A 335 -22.21 4.61 2.54
C GLU A 335 -22.13 6.14 2.45
N LEU A 336 -23.11 6.72 1.77
CA LEU A 336 -23.27 8.16 1.66
C LEU A 336 -24.73 8.45 1.96
N VAL A 337 -24.96 9.32 2.94
CA VAL A 337 -26.30 9.78 3.30
C VAL A 337 -26.32 11.28 3.14
N ILE A 338 -27.37 11.80 2.51
CA ILE A 338 -27.47 13.22 2.24
C ILE A 338 -28.83 13.75 2.73
N LEU A 339 -28.80 14.93 3.33
CA LEU A 339 -29.97 15.64 3.85
C LEU A 339 -29.88 17.08 3.39
N GLY A 340 -30.98 17.60 2.84
CA GLY A 340 -31.02 18.98 2.36
C GLY A 340 -32.27 19.25 1.53
N ASP A 341 -32.30 20.38 0.82
CA ASP A 341 -33.44 20.73 -0.04
C ASP A 341 -33.54 19.76 -1.18
N SER A 342 -34.75 19.24 -1.42
CA SER A 342 -34.98 18.16 -2.36
C SER A 342 -34.47 18.47 -3.75
N ASN A 343 -34.68 19.71 -4.20
CA ASN A 343 -34.22 20.15 -5.50
C ASN A 343 -32.71 19.98 -5.66
N VAL A 344 -31.97 20.53 -4.71
CA VAL A 344 -30.52 20.55 -4.79
C VAL A 344 -29.92 19.15 -4.58
N VAL A 345 -30.38 18.43 -3.57
CA VAL A 345 -29.81 17.12 -3.27
C VAL A 345 -30.03 16.13 -4.41
N ARG A 346 -31.21 16.14 -5.04
CA ARG A 346 -31.47 15.23 -6.15
C ARG A 346 -30.51 15.52 -7.30
N GLU A 347 -30.26 16.79 -7.58
CA GLU A 347 -29.39 17.18 -8.70
C GLU A 347 -27.92 16.82 -8.40
N LEU A 348 -27.47 17.12 -7.19
CA LEU A 348 -26.14 16.73 -6.74
C LEU A 348 -25.89 15.23 -6.88
N ILE A 349 -26.80 14.42 -6.33
CA ILE A 349 -26.61 12.97 -6.29
C ILE A 349 -26.66 12.36 -7.69
N GLU A 350 -27.61 12.80 -8.50
CA GLU A 350 -27.72 12.32 -9.87
C GLU A 350 -26.43 12.59 -10.66
N ARG A 351 -25.74 13.67 -10.34
CA ARG A 351 -24.50 14.03 -11.03
C ARG A 351 -23.25 13.32 -10.52
N VAL A 352 -23.29 12.75 -9.31
CA VAL A 352 -22.14 12.02 -8.78
C VAL A 352 -22.37 10.51 -8.64
N SER A 353 -23.57 10.04 -8.96
CA SER A 353 -23.95 8.66 -8.63
C SER A 353 -23.17 7.60 -9.43
N ASP A 354 -22.87 7.89 -10.70
CA ASP A 354 -22.08 6.98 -11.54
C ASP A 354 -20.65 6.82 -11.02
N LYS A 355 -19.96 7.93 -10.79
CA LYS A 355 -18.59 7.91 -10.31
C LYS A 355 -18.47 7.21 -8.92
N LEU A 356 -19.42 7.48 -8.03
CA LEU A 356 -19.39 6.92 -6.67
C LEU A 356 -20.07 5.56 -6.58
N GLN A 357 -20.67 5.12 -7.68
CA GLN A 357 -21.39 3.86 -7.75
C GLN A 357 -22.40 3.73 -6.60
N LEU A 358 -23.28 4.72 -6.50
CA LEU A 358 -24.26 4.79 -5.43
C LEU A 358 -25.46 3.91 -5.74
N GLN A 359 -25.90 3.13 -4.77
CA GLN A 359 -27.12 2.33 -4.88
C GLN A 359 -28.04 2.72 -3.72
N LEU A 360 -29.22 3.23 -4.03
CA LEU A 360 -30.16 3.65 -3.01
C LEU A 360 -30.58 2.46 -2.14
N PHE A 361 -30.57 2.66 -0.83
CA PHE A 361 -31.13 1.67 0.10
C PHE A 361 -32.15 2.26 1.08
N GLY A 362 -32.33 3.58 1.04
CA GLY A 362 -33.21 4.24 1.98
C GLY A 362 -33.57 5.66 1.58
N GLY A 363 -34.77 6.08 1.91
CA GLY A 363 -35.18 7.43 1.61
C GLY A 363 -35.51 7.60 0.15
N ASN A 364 -35.30 8.81 -0.34
CA ASN A 364 -35.80 9.28 -1.63
C ASN A 364 -35.25 10.70 -1.85
N LEU A 365 -34.55 10.92 -2.96
CA LEU A 365 -34.00 12.25 -3.25
C LEU A 365 -35.04 13.37 -3.34
N ASP A 366 -36.23 13.04 -3.81
CA ASP A 366 -37.34 13.99 -3.84
C ASP A 366 -37.79 14.43 -2.44
N GLY A 367 -37.49 13.61 -1.43
CA GLY A 367 -37.79 13.94 -0.05
C GLY A 367 -36.71 14.70 0.70
N GLY A 368 -35.54 14.88 0.09
CA GLY A 368 -34.47 15.62 0.73
C GLY A 368 -33.65 14.81 1.73
N VAL A 369 -33.99 13.55 1.95
CA VAL A 369 -33.14 12.63 2.70
C VAL A 369 -33.02 11.31 1.96
N ALA A 370 -31.80 10.92 1.64
CA ALA A 370 -31.55 9.69 0.88
C ALA A 370 -30.26 9.01 1.33
N MET A 371 -30.26 7.69 1.29
CA MET A 371 -29.16 6.86 1.80
C MET A 371 -28.72 5.85 0.75
N PHE A 372 -27.41 5.75 0.54
CA PHE A 372 -26.82 5.01 -0.56
C PHE A 372 -25.66 4.14 -0.12
N LYS A 373 -25.63 2.91 -0.65
CA LYS A 373 -24.41 2.13 -0.66
C LYS A 373 -23.47 2.80 -1.66
N GLN A 374 -22.22 3.02 -1.27
CA GLN A 374 -21.23 3.63 -2.14
C GLN A 374 -20.24 2.53 -2.52
N LEU A 375 -20.43 1.96 -3.71
CA LEU A 375 -19.61 0.83 -4.16
C LEU A 375 -18.22 1.23 -4.65
N ASN A 376 -18.01 2.51 -4.91
CA ASN A 376 -16.66 3.05 -5.09
C ASN A 376 -16.01 3.24 -3.72
N VAL A 377 -15.34 2.18 -3.24
CA VAL A 377 -14.73 2.23 -1.91
C VAL A 377 -13.41 3.00 -1.84
N GLU A 378 -12.90 3.46 -2.98
CA GLU A 378 -11.68 4.25 -3.01
C GLU A 378 -11.92 5.73 -2.68
N ALA A 379 -13.14 6.19 -2.93
CA ALA A 379 -13.43 7.61 -2.80
C ALA A 379 -13.76 7.94 -1.35
N THR A 380 -12.91 8.75 -0.73
CA THR A 380 -13.09 9.24 0.63
C THR A 380 -13.70 10.64 0.54
N ARG A 381 -13.84 11.31 1.68
CA ARG A 381 -14.31 12.69 1.70
C ARG A 381 -13.43 13.58 0.81
N LYS A 382 -12.13 13.27 0.75
CA LYS A 382 -11.19 14.03 -0.06
C LYS A 382 -11.57 14.04 -1.56
N GLN A 383 -12.13 12.94 -2.06
CA GLN A 383 -12.68 12.87 -3.42
C GLN A 383 -14.15 13.30 -3.53
N VAL A 384 -14.96 13.00 -2.52
CA VAL A 384 -16.39 13.29 -2.58
C VAL A 384 -16.65 14.80 -2.67
N VAL A 385 -15.81 15.59 -2.02
CA VAL A 385 -15.98 17.01 -1.97
C VAL A 385 -15.80 17.65 -3.37
N PRO A 386 -14.70 17.38 -4.06
CA PRO A 386 -14.54 17.84 -5.45
C PRO A 386 -15.64 17.33 -6.38
N TYR A 387 -16.08 16.09 -6.22
CA TYR A 387 -17.14 15.57 -7.08
C TYR A 387 -18.42 16.39 -6.88
N LEU A 388 -18.75 16.71 -5.63
CA LEU A 388 -19.94 17.51 -5.32
C LEU A 388 -19.79 18.98 -5.73
N GLU A 389 -18.57 19.53 -5.64
CA GLU A 389 -18.28 20.88 -6.11
C GLU A 389 -18.51 21.00 -7.61
N GLU A 390 -18.03 20.00 -8.34
CA GLU A 390 -18.19 19.94 -9.80
C GLU A 390 -19.68 19.83 -10.15
N ALA A 391 -20.40 18.95 -9.46
CA ALA A 391 -21.84 18.79 -9.69
C ALA A 391 -22.55 20.12 -9.45
N TYR A 392 -22.23 20.78 -8.35
CA TYR A 392 -22.91 22.02 -7.98
C TYR A 392 -22.65 23.15 -8.99
N SER A 393 -21.47 23.16 -9.61
CA SER A 393 -21.15 24.16 -10.63
C SER A 393 -22.02 24.01 -11.88
N ASN A 394 -22.58 22.83 -12.09
CA ASN A 394 -23.43 22.56 -13.25
C ASN A 394 -24.91 22.84 -13.03
N LEU A 395 -25.28 23.19 -11.80
CA LEU A 395 -26.67 23.53 -11.46
C LEU A 395 -27.07 24.94 -11.94
N GLU A 396 -28.27 25.06 -12.47
CA GLU A 396 -28.78 26.33 -12.98
C GLU A 396 -29.18 27.29 -11.86
N GLU A 397 -28.86 28.57 -12.04
CA GLU A 397 -29.24 29.61 -11.07
C GLU A 397 -29.20 31.00 -11.73
N LEU B 4 36.34 -13.58 3.14
CA LEU B 4 35.46 -13.24 1.97
C LEU B 4 34.83 -14.51 1.41
N ARG B 5 33.51 -14.50 1.25
CA ARG B 5 32.81 -15.62 0.68
C ARG B 5 32.31 -15.29 -0.72
N LYS B 6 31.94 -16.33 -1.45
CA LYS B 6 31.49 -16.18 -2.82
C LYS B 6 30.20 -15.37 -2.87
N THR B 7 30.11 -14.47 -3.84
CA THR B 7 28.88 -13.75 -4.14
C THR B 7 27.94 -14.71 -4.86
N VAL B 8 26.74 -14.24 -5.18
CA VAL B 8 25.76 -15.06 -5.87
C VAL B 8 26.29 -15.60 -7.22
N PRO B 9 26.78 -14.75 -8.11
CA PRO B 9 27.28 -15.25 -9.39
C PRO B 9 28.48 -16.19 -9.22
N GLU B 10 29.32 -15.97 -8.22
CA GLU B 10 30.48 -16.84 -7.98
C GLU B 10 30.02 -18.19 -7.47
N PHE B 11 28.97 -18.19 -6.65
CA PHE B 11 28.36 -19.42 -6.16
C PHE B 11 27.80 -20.19 -7.34
N LEU B 12 27.06 -19.50 -8.22
CA LEU B 12 26.43 -20.14 -9.37
C LEU B 12 27.46 -20.68 -10.35
N ALA B 13 28.53 -19.93 -10.60
CA ALA B 13 29.64 -20.41 -11.43
C ALA B 13 30.23 -21.67 -10.81
N HIS B 14 30.45 -21.66 -9.51
CA HIS B 14 31.01 -22.81 -8.78
C HIS B 14 30.19 -24.07 -9.05
N LEU B 15 28.88 -23.96 -8.91
CA LEU B 15 27.95 -25.08 -9.15
C LEU B 15 28.09 -25.64 -10.57
N LYS B 16 28.10 -24.75 -11.56
CA LYS B 16 28.26 -25.14 -12.97
C LYS B 16 29.59 -25.89 -13.23
N SER B 17 30.63 -25.53 -12.49
CA SER B 17 31.98 -26.09 -12.67
C SER B 17 32.15 -27.47 -12.06
N LEU B 18 31.20 -27.88 -11.24
CA LEU B 18 31.34 -29.09 -10.45
C LEU B 18 30.82 -30.30 -11.26
N PRO B 19 31.45 -31.45 -11.10
CA PRO B 19 30.91 -32.68 -11.69
C PRO B 19 29.70 -33.13 -10.88
N ILE B 20 28.82 -33.89 -11.52
CA ILE B 20 27.55 -34.30 -10.94
C ILE B 20 27.70 -35.07 -9.61
N SER B 21 28.79 -35.82 -9.45
CA SER B 21 29.04 -36.59 -8.21
C SER B 21 29.33 -35.69 -7.01
N LYS B 22 29.80 -34.48 -7.26
CA LYS B 22 29.97 -33.49 -6.19
C LYS B 22 28.72 -32.63 -5.95
N ILE B 23 27.77 -32.64 -6.89
CA ILE B 23 26.50 -31.94 -6.70
C ILE B 23 25.51 -32.83 -5.96
N ALA B 24 25.30 -34.04 -6.48
CA ALA B 24 24.59 -35.08 -5.76
C ALA B 24 25.43 -35.55 -4.58
N SER B 25 24.79 -36.20 -3.61
CA SER B 25 25.42 -36.60 -2.37
C SER B 25 24.57 -37.67 -1.72
N ASN B 26 25.18 -38.82 -1.45
CA ASN B 26 24.48 -39.96 -0.87
C ASN B 26 23.20 -40.35 -1.63
N ASP B 27 23.32 -40.45 -2.95
CA ASP B 27 22.22 -40.85 -3.85
C ASP B 27 21.01 -39.91 -3.77
N VAL B 28 21.27 -38.62 -3.56
CA VAL B 28 20.22 -37.59 -3.59
C VAL B 28 20.76 -36.36 -4.34
N LEU B 29 20.01 -35.91 -5.34
CA LEU B 29 20.23 -34.61 -5.96
C LEU B 29 19.11 -33.70 -5.49
N THR B 30 19.48 -32.54 -4.97
CA THR B 30 18.51 -31.62 -4.38
C THR B 30 18.45 -30.33 -5.19
N ILE B 31 17.24 -29.93 -5.55
CA ILE B 31 17.02 -28.67 -6.25
C ILE B 31 16.09 -27.76 -5.44
N CYS B 32 15.99 -26.52 -5.86
CA CYS B 32 14.97 -25.61 -5.39
C CYS B 32 14.38 -24.94 -6.59
N VAL B 33 13.07 -25.07 -6.77
CA VAL B 33 12.38 -24.55 -7.94
C VAL B 33 11.18 -23.69 -7.56
N GLY B 34 10.97 -22.62 -8.32
CA GLY B 34 9.79 -21.76 -8.24
C GLY B 34 8.67 -22.31 -9.08
N ASN B 35 7.71 -21.47 -9.43
CA ASN B 35 6.56 -21.93 -10.19
C ASN B 35 6.75 -21.79 -11.70
N GLU B 36 5.78 -22.28 -12.46
CA GLU B 36 5.90 -22.36 -13.92
C GLU B 36 5.96 -21.00 -14.64
N SER B 37 5.54 -19.93 -13.97
CA SER B 37 5.59 -18.58 -14.55
C SER B 37 6.99 -17.98 -14.58
N ALA B 38 7.89 -18.49 -13.76
CA ALA B 38 9.28 -18.03 -13.71
C ALA B 38 9.37 -16.50 -13.66
N ASP B 39 8.56 -15.90 -12.80
CA ASP B 39 8.58 -14.44 -12.62
C ASP B 39 9.70 -14.01 -11.68
N MET B 40 9.79 -12.70 -11.41
CA MET B 40 10.82 -12.13 -10.57
C MET B 40 10.85 -12.86 -9.23
N ASP B 41 9.67 -13.09 -8.66
CA ASP B 41 9.59 -13.72 -7.34
C ASP B 41 10.09 -15.16 -7.36
N SER B 42 9.65 -15.94 -8.33
CA SER B 42 10.05 -17.35 -8.42
C SER B 42 11.56 -17.49 -8.63
N ILE B 43 12.15 -16.58 -9.40
CA ILE B 43 13.57 -16.64 -9.75
C ILE B 43 14.43 -16.16 -8.57
N ALA B 44 14.04 -15.03 -7.97
CA ALA B 44 14.75 -14.50 -6.82
C ALA B 44 14.66 -15.44 -5.62
N SER B 45 13.50 -16.02 -5.41
CA SER B 45 13.26 -16.89 -4.25
C SER B 45 14.12 -18.15 -4.36
N ALA B 46 14.18 -18.73 -5.56
CA ALA B 46 14.93 -19.96 -5.78
C ALA B 46 16.44 -19.79 -5.64
N ILE B 47 16.99 -18.76 -6.31
CA ILE B 47 18.40 -18.42 -6.19
C ILE B 47 18.78 -18.10 -4.75
N THR B 48 17.93 -17.32 -4.06
CA THR B 48 18.18 -16.92 -2.69
C THR B 48 18.24 -18.11 -1.76
N TYR B 49 17.27 -19.02 -1.91
CA TYR B 49 17.23 -20.20 -1.06
C TYR B 49 18.53 -20.99 -1.23
N SER B 50 18.92 -21.25 -2.46
CA SER B 50 20.07 -22.08 -2.76
C SER B 50 21.36 -21.47 -2.24
N TYR B 51 21.53 -20.17 -2.50
CA TYR B 51 22.70 -19.42 -2.07
C TYR B 51 22.83 -19.41 -0.54
N CYS B 52 21.74 -19.10 0.16
CA CYS B 52 21.80 -19.00 1.61
C CYS B 52 22.08 -20.36 2.26
N GLN B 53 21.59 -21.45 1.67
CA GLN B 53 21.87 -22.78 2.19
C GLN B 53 23.37 -23.06 2.11
N TYR B 54 23.95 -22.68 0.99
CA TYR B 54 25.38 -22.80 0.74
C TYR B 54 26.22 -22.00 1.74
N ILE B 55 25.82 -20.77 2.03
CA ILE B 55 26.54 -19.97 3.02
C ILE B 55 26.38 -20.60 4.40
N TYR B 56 25.17 -21.04 4.72
CA TYR B 56 24.89 -21.67 6.01
C TYR B 56 25.75 -22.91 6.23
N ASN B 57 25.90 -23.71 5.18
CA ASN B 57 26.63 -24.97 5.24
C ASN B 57 28.15 -24.79 5.40
N GLU B 58 28.69 -23.61 5.06
CA GLU B 58 30.12 -23.37 5.23
C GLU B 58 30.46 -22.47 6.42
N GLY B 59 29.50 -22.31 7.34
CA GLY B 59 29.73 -21.59 8.58
C GLY B 59 29.32 -22.41 9.79
N THR B 60 29.63 -21.88 10.97
CA THR B 60 29.21 -22.45 12.25
C THR B 60 28.03 -21.64 12.78
N TYR B 61 26.85 -22.25 12.79
CA TYR B 61 25.62 -21.63 13.30
C TYR B 61 24.93 -22.49 14.36
N SER B 62 25.59 -23.57 14.77
CA SER B 62 25.10 -24.45 15.83
C SER B 62 26.23 -25.28 16.45
N GLU B 63 25.89 -26.02 17.50
CA GLU B 63 26.88 -26.76 18.28
C GLU B 63 27.23 -28.12 17.65
N GLU B 64 26.40 -28.56 16.71
CA GLU B 64 26.63 -29.80 15.97
C GLU B 64 26.34 -29.51 14.50
N LYS B 65 27.39 -29.47 13.69
CA LYS B 65 27.22 -29.13 12.28
C LYS B 65 26.30 -30.14 11.59
N LYS B 66 25.22 -29.63 10.99
CA LYS B 66 24.28 -30.46 10.22
C LYS B 66 24.97 -30.97 8.97
N LYS B 67 24.65 -32.20 8.58
CA LYS B 67 25.15 -32.72 7.31
C LYS B 67 24.44 -31.95 6.20
N GLY B 68 25.15 -31.66 5.11
CA GLY B 68 24.59 -30.83 4.07
C GLY B 68 25.00 -31.18 2.66
N SER B 69 24.33 -30.51 1.71
CA SER B 69 24.60 -30.68 0.29
C SER B 69 24.17 -29.43 -0.47
N PHE B 70 24.61 -29.34 -1.72
CA PHE B 70 24.22 -28.27 -2.62
C PHE B 70 22.74 -28.39 -2.99
N ILE B 71 22.09 -27.25 -3.15
CA ILE B 71 20.71 -27.16 -3.65
C ILE B 71 20.84 -26.39 -4.94
N VAL B 72 20.60 -27.04 -6.08
CA VAL B 72 20.71 -26.37 -7.37
C VAL B 72 19.43 -25.57 -7.61
N PRO B 73 19.54 -24.25 -7.82
CA PRO B 73 18.34 -23.44 -8.08
C PRO B 73 17.90 -23.55 -9.54
N ILE B 74 16.61 -23.86 -9.74
CA ILE B 74 16.02 -24.06 -11.06
C ILE B 74 15.04 -22.97 -11.39
N ILE B 75 15.12 -22.50 -12.63
CA ILE B 75 14.13 -21.61 -13.20
C ILE B 75 13.34 -22.49 -14.17
N ASP B 76 12.02 -22.56 -13.98
CA ASP B 76 11.20 -23.59 -14.62
C ASP B 76 10.65 -23.18 -15.99
N ILE B 77 11.56 -22.73 -16.85
CA ILE B 77 11.26 -22.44 -18.26
C ILE B 77 12.44 -22.89 -19.11
N PRO B 78 12.24 -22.98 -20.43
CA PRO B 78 13.38 -23.10 -21.33
C PRO B 78 14.29 -21.88 -21.25
N ARG B 79 15.58 -22.09 -21.41
CA ARG B 79 16.58 -21.03 -21.27
C ARG B 79 16.27 -19.82 -22.15
N GLU B 80 15.79 -20.06 -23.37
CA GLU B 80 15.52 -18.98 -24.33
C GLU B 80 14.42 -18.01 -23.87
N ASP B 81 13.53 -18.51 -23.00
CA ASP B 81 12.40 -17.71 -22.51
C ASP B 81 12.77 -16.65 -21.48
N LEU B 82 13.99 -16.68 -20.93
CA LEU B 82 14.43 -15.62 -20.02
C LEU B 82 14.38 -14.23 -20.68
N SER B 83 14.65 -14.17 -21.98
CA SER B 83 14.69 -12.89 -22.71
C SER B 83 13.35 -12.16 -22.74
N LEU B 84 12.27 -12.90 -22.52
CA LEU B 84 10.93 -12.33 -22.45
C LEU B 84 10.64 -11.57 -21.16
N ARG B 85 11.47 -11.76 -20.14
CA ARG B 85 11.30 -11.11 -18.85
C ARG B 85 12.37 -10.02 -18.71
N ARG B 86 12.16 -8.92 -19.41
CA ARG B 86 13.15 -7.85 -19.44
C ARG B 86 13.40 -7.26 -18.06
N ASP B 87 12.39 -7.30 -17.19
CA ASP B 87 12.59 -6.92 -15.79
C ASP B 87 13.62 -7.81 -15.08
N VAL B 88 13.44 -9.12 -15.18
CA VAL B 88 14.37 -10.08 -14.57
C VAL B 88 15.78 -9.94 -15.14
N MET B 89 15.88 -9.73 -16.45
CA MET B 89 17.18 -9.59 -17.11
C MET B 89 17.94 -8.42 -16.51
N TYR B 90 17.23 -7.32 -16.26
CA TYR B 90 17.80 -6.10 -15.69
C TYR B 90 18.34 -6.33 -14.27
N VAL B 91 17.56 -7.02 -13.45
CA VAL B 91 17.92 -7.28 -12.06
C VAL B 91 19.12 -8.22 -11.96
N LEU B 92 19.10 -9.27 -12.79
CA LEU B 92 20.22 -10.22 -12.86
C LEU B 92 21.50 -9.51 -13.30
N GLU B 93 21.37 -8.62 -14.28
CA GLU B 93 22.48 -7.80 -14.78
C GLU B 93 23.08 -6.89 -13.69
N LYS B 94 22.23 -6.35 -12.82
CA LYS B 94 22.69 -5.57 -11.66
C LYS B 94 23.58 -6.38 -10.72
N LEU B 95 23.26 -7.66 -10.53
CA LEU B 95 24.06 -8.54 -9.65
C LEU B 95 25.19 -9.24 -10.41
N LYS B 96 25.38 -8.90 -11.69
CA LYS B 96 26.39 -9.53 -12.54
C LYS B 96 26.21 -11.05 -12.67
N ILE B 97 24.97 -11.51 -12.64
CA ILE B 97 24.66 -12.91 -12.86
C ILE B 97 24.52 -13.11 -14.37
N LYS B 98 25.34 -14.00 -14.92
CA LYS B 98 25.30 -14.37 -16.33
C LYS B 98 24.27 -15.45 -16.57
N GLU B 99 23.59 -15.39 -17.72
CA GLU B 99 22.64 -16.43 -18.13
C GLU B 99 23.28 -17.82 -18.10
N GLU B 100 24.56 -17.89 -18.40
CA GLU B 100 25.25 -19.16 -18.53
C GLU B 100 25.53 -19.79 -17.15
N GLU B 101 25.38 -18.99 -16.09
CA GLU B 101 25.47 -19.47 -14.71
C GLU B 101 24.12 -19.96 -14.14
N LEU B 102 23.04 -19.77 -14.89
CA LEU B 102 21.73 -20.18 -14.41
C LEU B 102 21.35 -21.57 -14.90
N PHE B 103 20.40 -22.16 -14.19
CA PHE B 103 19.88 -23.50 -14.50
C PHE B 103 18.40 -23.45 -14.90
N PHE B 104 18.10 -23.95 -16.10
CA PHE B 104 16.74 -23.97 -16.64
C PHE B 104 16.25 -25.41 -16.79
N ILE B 105 15.10 -25.58 -17.44
CA ILE B 105 14.51 -26.92 -17.61
C ILE B 105 15.50 -27.87 -18.30
N GLU B 106 16.21 -27.37 -19.31
CA GLU B 106 17.19 -28.17 -20.04
C GLU B 106 18.29 -28.67 -19.12
N ASP B 107 18.73 -27.82 -18.20
CA ASP B 107 19.80 -28.16 -17.28
C ASP B 107 19.32 -29.16 -16.25
N LEU B 108 18.10 -29.00 -15.75
CA LEU B 108 17.49 -30.00 -14.87
C LEU B 108 17.40 -31.35 -15.59
N LYS B 109 16.97 -31.33 -16.84
CA LYS B 109 16.84 -32.55 -17.65
C LYS B 109 18.20 -33.23 -17.75
N SER B 110 19.25 -32.44 -17.96
CA SER B 110 20.61 -32.93 -18.07
C SER B 110 21.11 -33.54 -16.75
N LEU B 111 20.84 -32.88 -15.61
CA LEU B 111 21.23 -33.39 -14.30
C LEU B 111 20.57 -34.75 -14.02
N LYS B 112 19.28 -34.83 -14.31
CA LYS B 112 18.48 -36.06 -14.13
C LYS B 112 19.05 -37.24 -14.93
N GLN B 113 19.57 -36.94 -16.11
CA GLN B 113 20.13 -37.97 -17.00
C GLN B 113 21.54 -38.40 -16.59
N ASN B 114 22.30 -37.50 -15.99
CA ASN B 114 23.71 -37.77 -15.64
C ASN B 114 23.89 -38.32 -14.22
N VAL B 115 22.79 -38.50 -13.51
CA VAL B 115 22.82 -39.14 -12.21
C VAL B 115 22.27 -40.56 -12.34
N SER B 116 22.61 -41.42 -11.38
CA SER B 116 22.17 -42.83 -11.44
C SER B 116 20.65 -42.96 -11.31
N GLN B 117 20.12 -44.12 -11.70
CA GLN B 117 18.69 -44.40 -11.53
C GLN B 117 18.36 -44.59 -10.06
N GLY B 118 19.39 -44.85 -9.25
CA GLY B 118 19.25 -44.96 -7.81
C GLY B 118 19.17 -43.63 -7.09
N THR B 119 19.55 -42.55 -7.79
CA THR B 119 19.55 -41.22 -7.18
C THR B 119 18.16 -40.61 -7.18
N GLU B 120 17.68 -40.25 -5.99
CA GLU B 120 16.45 -39.48 -5.81
C GLU B 120 16.66 -38.03 -6.24
N LEU B 121 15.60 -37.42 -6.76
CA LEU B 121 15.61 -36.01 -7.10
C LEU B 121 14.60 -35.33 -6.18
N ASN B 122 15.10 -34.69 -5.15
CA ASN B 122 14.25 -34.08 -4.15
C ASN B 122 14.27 -32.57 -4.31
N SER B 123 13.14 -31.94 -4.00
CA SER B 123 12.99 -30.52 -4.30
C SER B 123 12.41 -29.73 -3.15
N TYR B 124 12.96 -28.53 -3.00
CA TYR B 124 12.38 -27.47 -2.20
C TYR B 124 11.51 -26.70 -3.16
N LEU B 125 10.30 -26.34 -2.75
CA LEU B 125 9.46 -25.49 -3.57
C LEU B 125 9.44 -24.09 -2.97
N VAL B 126 9.65 -23.08 -3.81
CA VAL B 126 9.42 -21.71 -3.41
C VAL B 126 8.42 -21.07 -4.38
N ASP B 127 7.57 -20.18 -3.86
CA ASP B 127 6.62 -19.46 -4.70
C ASP B 127 5.55 -20.38 -5.32
N ASN B 128 5.46 -21.60 -4.81
CA ASN B 128 4.34 -22.51 -5.00
C ASN B 128 4.41 -23.62 -3.94
N ASN B 129 3.33 -24.36 -3.75
CA ASN B 129 3.29 -25.36 -2.70
C ASN B 129 2.89 -26.77 -3.15
N ASP B 130 2.74 -26.96 -4.46
CA ASP B 130 2.84 -28.28 -5.06
C ASP B 130 3.67 -28.17 -6.35
N THR B 131 4.29 -29.29 -6.72
CA THR B 131 5.23 -29.35 -7.84
C THR B 131 4.61 -28.85 -9.14
N PRO B 132 5.33 -28.01 -9.89
CA PRO B 132 4.86 -27.61 -11.22
C PRO B 132 4.57 -28.85 -12.05
N LYS B 133 3.44 -28.88 -12.74
CA LYS B 133 3.02 -30.08 -13.47
C LYS B 133 4.04 -30.54 -14.50
N ASN B 134 4.72 -29.60 -15.15
CA ASN B 134 5.72 -29.97 -16.13
C ASN B 134 6.93 -30.69 -15.51
N LEU B 135 7.11 -30.59 -14.19
CA LEU B 135 8.20 -31.29 -13.50
C LEU B 135 7.77 -32.51 -12.66
N LYS B 136 6.51 -32.93 -12.76
CA LYS B 136 5.97 -34.01 -11.92
C LYS B 136 6.68 -35.37 -12.07
N ASN B 137 7.24 -35.65 -13.25
CA ASN B 137 7.93 -36.92 -13.51
C ASN B 137 9.42 -36.87 -13.21
N TYR B 138 9.88 -35.69 -12.82
CA TYR B 138 11.28 -35.47 -12.49
C TYR B 138 11.50 -35.50 -10.99
N ILE B 139 10.50 -35.08 -10.22
CA ILE B 139 10.66 -34.91 -8.78
C ILE B 139 10.09 -36.08 -7.98
N ASP B 140 10.99 -36.74 -7.24
CA ASP B 140 10.65 -37.88 -6.40
C ASP B 140 10.05 -37.50 -5.04
N ASN B 141 10.54 -36.42 -4.45
CA ASN B 141 10.00 -35.93 -3.17
C ASN B 141 10.08 -34.41 -3.06
N VAL B 142 9.06 -33.80 -2.45
CA VAL B 142 9.10 -32.38 -2.07
C VAL B 142 9.53 -32.36 -0.60
N VAL B 143 10.68 -31.79 -0.30
CA VAL B 143 11.23 -31.86 1.05
C VAL B 143 11.08 -30.60 1.88
N GLY B 144 10.84 -29.45 1.23
CA GLY B 144 10.61 -28.20 1.92
C GLY B 144 9.83 -27.23 1.04
N ILE B 145 9.09 -26.31 1.67
CA ILE B 145 8.26 -25.32 0.98
C ILE B 145 8.30 -23.99 1.70
N ILE B 146 8.54 -22.90 0.95
CA ILE B 146 8.21 -21.57 1.40
C ILE B 146 7.36 -20.91 0.30
N ASP B 147 6.14 -20.51 0.63
CA ASP B 147 5.23 -19.97 -0.37
C ASP B 147 4.21 -19.00 0.24
N HIS B 148 3.59 -18.21 -0.64
CA HIS B 148 2.57 -17.25 -0.24
C HIS B 148 1.26 -17.35 -1.02
N HIS B 149 1.04 -18.52 -1.65
CA HIS B 149 -0.20 -18.77 -2.39
C HIS B 149 -1.16 -19.60 -1.55
N PHE B 150 -2.38 -19.74 -2.03
CA PHE B 150 -3.38 -20.58 -1.38
C PHE B 150 -2.76 -21.96 -1.13
N ASP B 151 -2.98 -22.47 0.08
CA ASP B 151 -2.37 -23.70 0.55
C ASP B 151 -3.16 -24.91 0.08
N LEU B 152 -2.57 -25.65 -0.84
CA LEU B 152 -3.15 -26.90 -1.36
C LEU B 152 -3.13 -28.04 -0.33
N GLN B 153 -2.43 -27.83 0.79
CA GLN B 153 -2.35 -28.73 1.93
C GLN B 153 -1.71 -30.07 1.57
N LYS B 154 -0.75 -30.03 0.65
CA LYS B 154 0.05 -31.19 0.27
C LYS B 154 1.45 -31.14 0.90
N HIS B 155 2.15 -32.26 0.90
CA HIS B 155 3.49 -32.36 1.47
C HIS B 155 3.52 -31.78 2.89
N LEU B 156 2.67 -32.31 3.76
CA LEU B 156 2.50 -31.77 5.10
C LEU B 156 3.72 -32.00 5.98
N ASP B 157 4.58 -32.96 5.62
CA ASP B 157 5.79 -33.25 6.38
C ASP B 157 7.01 -32.48 5.90
N ALA B 158 6.84 -31.62 4.90
CA ALA B 158 7.95 -30.82 4.40
C ALA B 158 8.55 -29.98 5.52
N GLU B 159 9.86 -29.79 5.49
CA GLU B 159 10.58 -28.96 6.49
C GLU B 159 11.65 -28.12 5.76
N PRO B 160 11.52 -26.79 5.78
CA PRO B 160 10.41 -26.08 6.43
C PRO B 160 9.14 -26.21 5.61
N ARG B 161 8.03 -25.80 6.19
CA ARG B 161 6.76 -25.69 5.49
C ARG B 161 6.07 -24.38 5.90
N ILE B 162 6.49 -23.30 5.25
CA ILE B 162 5.95 -21.98 5.48
C ILE B 162 5.05 -21.65 4.31
N VAL B 163 3.74 -21.58 4.59
CA VAL B 163 2.76 -21.17 3.60
C VAL B 163 1.86 -20.14 4.29
N LYS B 164 2.09 -18.88 3.95
CA LYS B 164 1.42 -17.78 4.62
C LYS B 164 1.40 -16.50 3.81
N VAL B 165 0.56 -15.56 4.24
CA VAL B 165 0.34 -14.36 3.48
C VAL B 165 1.64 -13.53 3.39
N SER B 166 1.89 -13.02 2.19
CA SER B 166 3.06 -12.17 1.95
C SER B 166 2.85 -11.48 0.62
N GLY B 167 3.23 -10.21 0.54
CA GLY B 167 3.24 -9.52 -0.73
C GLY B 167 4.11 -10.27 -1.73
N SER B 168 5.27 -10.70 -1.25
CA SER B 168 6.27 -11.38 -2.07
C SER B 168 6.76 -12.65 -1.34
N CYS B 169 6.89 -13.75 -2.07
CA CYS B 169 7.51 -14.93 -1.50
C CYS B 169 8.95 -14.65 -1.09
N SER B 170 9.63 -13.80 -1.85
CA SER B 170 11.04 -13.47 -1.63
C SER B 170 11.24 -12.91 -0.18
N SER B 171 10.26 -12.19 0.35
CA SER B 171 10.32 -11.68 1.73
C SER B 171 10.35 -12.83 2.76
N LEU B 172 9.51 -13.86 2.56
CA LEU B 172 9.46 -15.02 3.45
C LEU B 172 10.76 -15.82 3.41
N VAL B 173 11.27 -16.04 2.21
CA VAL B 173 12.54 -16.74 1.99
C VAL B 173 13.69 -15.99 2.64
N PHE B 174 13.74 -14.69 2.42
CA PHE B 174 14.78 -13.84 2.97
C PHE B 174 14.74 -13.86 4.50
N ASN B 175 13.57 -13.65 5.11
CA ASN B 175 13.45 -13.60 6.56
C ASN B 175 13.82 -14.93 7.22
N TYR B 176 13.41 -16.03 6.59
CA TYR B 176 13.78 -17.37 7.06
C TYR B 176 15.31 -17.53 7.17
N TRP B 177 16.00 -17.22 6.08
CA TRP B 177 17.46 -17.36 6.01
C TRP B 177 18.22 -16.32 6.81
N TYR B 178 17.70 -15.10 6.87
CA TYR B 178 18.30 -14.05 7.69
C TYR B 178 18.38 -14.50 9.13
N GLU B 179 17.31 -15.11 9.64
CA GLU B 179 17.31 -15.59 11.01
C GLU B 179 18.30 -16.76 11.21
N LYS B 180 18.33 -17.71 10.29
CA LYS B 180 19.29 -18.82 10.37
C LYS B 180 20.75 -18.35 10.31
N LEU B 181 21.00 -17.30 9.53
CA LEU B 181 22.35 -16.78 9.32
C LEU B 181 22.72 -15.65 10.27
N GLN B 182 21.89 -15.43 11.30
CA GLN B 182 22.12 -14.41 12.34
C GLN B 182 22.36 -13.00 11.78
N GLY B 183 21.65 -12.68 10.70
CA GLY B 183 21.62 -11.34 10.14
C GLY B 183 22.84 -10.99 9.32
N ASP B 184 23.52 -12.02 8.80
CA ASP B 184 24.81 -11.85 8.15
C ASP B 184 24.79 -10.70 7.12
N ARG B 185 25.44 -9.59 7.46
CA ARG B 185 25.38 -8.38 6.65
C ARG B 185 25.93 -8.59 5.25
N GLU B 186 26.96 -9.43 5.13
CA GLU B 186 27.58 -9.70 3.84
C GLU B 186 26.64 -10.45 2.89
N VAL B 187 25.94 -11.45 3.40
CA VAL B 187 24.93 -12.16 2.63
C VAL B 187 23.83 -11.21 2.19
N VAL B 188 23.37 -10.35 3.09
CA VAL B 188 22.31 -9.40 2.77
C VAL B 188 22.76 -8.48 1.61
N MET B 189 23.99 -7.95 1.69
CA MET B 189 24.52 -7.11 0.62
C MET B 189 24.54 -7.83 -0.71
N ASN B 190 24.85 -9.12 -0.67
CA ASN B 190 25.00 -9.96 -1.85
C ASN B 190 23.66 -10.33 -2.51
N ILE B 191 22.58 -10.38 -1.73
CA ILE B 191 21.27 -10.77 -2.29
C ILE B 191 20.31 -9.60 -2.43
N ALA B 192 20.67 -8.45 -1.83
CA ALA B 192 19.72 -7.34 -1.69
C ALA B 192 19.01 -6.94 -2.98
N PRO B 193 19.77 -6.69 -4.05
CA PRO B 193 19.15 -6.23 -5.31
C PRO B 193 18.19 -7.24 -5.91
N LEU B 194 18.51 -8.52 -5.77
CA LEU B 194 17.66 -9.59 -6.24
C LEU B 194 16.37 -9.68 -5.43
N LEU B 195 16.50 -9.69 -4.11
CA LEU B 195 15.37 -9.69 -3.19
C LEU B 195 14.45 -8.49 -3.40
N MET B 196 15.04 -7.31 -3.44
CA MET B 196 14.28 -6.08 -3.60
C MET B 196 13.61 -5.96 -4.97
N GLY B 197 14.20 -6.58 -5.99
CA GLY B 197 13.57 -6.65 -7.28
C GLY B 197 12.23 -7.34 -7.17
N ALA B 198 12.21 -8.47 -6.50
CA ALA B 198 10.96 -9.20 -6.29
C ALA B 198 10.01 -8.45 -5.35
N ILE B 199 10.48 -8.00 -4.20
CA ILE B 199 9.58 -7.37 -3.24
C ILE B 199 8.92 -6.14 -3.83
N LEU B 200 9.73 -5.27 -4.44
CA LEU B 200 9.21 -4.01 -4.96
C LEU B 200 8.25 -4.22 -6.13
N ILE B 201 8.54 -5.15 -7.02
CA ILE B 201 7.62 -5.39 -8.13
C ILE B 201 6.30 -6.02 -7.62
N ASP B 202 6.39 -6.96 -6.70
CA ASP B 202 5.20 -7.62 -6.16
C ASP B 202 4.31 -6.72 -5.32
N THR B 203 4.88 -5.70 -4.68
CA THR B 203 4.11 -4.82 -3.81
C THR B 203 3.94 -3.43 -4.41
N SER B 204 4.27 -3.28 -5.68
CA SER B 204 4.17 -1.98 -6.34
C SER B 204 4.93 -0.92 -5.55
N ASN B 205 6.17 -1.23 -5.20
CA ASN B 205 7.05 -0.34 -4.44
C ASN B 205 6.53 -0.10 -3.03
N MET B 206 6.15 -1.19 -2.38
CA MET B 206 5.65 -1.20 -1.00
C MET B 206 4.39 -0.34 -0.80
N ARG B 207 3.52 -0.30 -1.81
CA ARG B 207 2.28 0.44 -1.76
C ARG B 207 1.02 -0.42 -1.88
N ARG B 208 1.15 -1.68 -2.27
CA ARG B 208 0.03 -2.62 -2.36
C ARG B 208 0.47 -4.02 -1.88
N LYS B 209 -0.47 -4.77 -1.31
CA LYS B 209 -0.27 -6.16 -0.86
C LYS B 209 0.83 -6.35 0.21
N VAL B 210 1.15 -5.26 0.90
CA VAL B 210 2.22 -5.30 1.90
C VAL B 210 1.76 -6.08 3.14
N GLU B 211 2.60 -6.99 3.59
CA GLU B 211 2.39 -7.70 4.84
C GLU B 211 3.60 -7.46 5.74
N GLU B 212 3.51 -7.93 6.99
CA GLU B 212 4.57 -7.75 7.97
C GLU B 212 5.89 -8.39 7.49
N SER B 213 5.79 -9.51 6.79
CA SER B 213 6.98 -10.17 6.20
C SER B 213 7.76 -9.19 5.32
N ASP B 214 7.05 -8.52 4.42
CA ASP B 214 7.69 -7.60 3.46
C ASP B 214 8.30 -6.39 4.16
N LYS B 215 7.58 -5.86 5.15
CA LYS B 215 8.08 -4.74 5.94
C LYS B 215 9.40 -5.09 6.64
N LEU B 216 9.45 -6.28 7.21
CA LEU B 216 10.63 -6.74 7.95
C LEU B 216 11.81 -6.98 7.02
N ALA B 217 11.56 -7.60 5.87
CA ALA B 217 12.62 -7.84 4.89
C ALA B 217 13.22 -6.53 4.42
N ILE B 218 12.36 -5.57 4.10
CA ILE B 218 12.82 -4.25 3.67
C ILE B 218 13.59 -3.54 4.78
N GLU B 219 13.10 -3.61 6.01
CA GLU B 219 13.78 -2.98 7.14
C GLU B 219 15.20 -3.54 7.31
N ARG B 220 15.32 -4.85 7.16
CA ARG B 220 16.59 -5.54 7.28
C ARG B 220 17.55 -5.14 6.18
N CYS B 221 17.05 -5.06 4.95
CA CYS B 221 17.85 -4.58 3.84
C CYS B 221 18.31 -3.13 4.04
N GLN B 222 17.41 -2.27 4.48
CA GLN B 222 17.74 -0.87 4.69
C GLN B 222 18.82 -0.70 5.75
N ALA B 223 18.74 -1.48 6.84
CA ALA B 223 19.71 -1.42 7.92
C ALA B 223 21.12 -1.77 7.45
N VAL B 224 21.23 -2.76 6.58
CA VAL B 224 22.54 -3.21 6.07
C VAL B 224 23.09 -2.27 4.99
N LEU B 225 22.26 -1.97 3.99
CA LEU B 225 22.68 -1.14 2.86
C LEU B 225 23.10 0.27 3.30
N SER B 226 22.50 0.74 4.38
CA SER B 226 22.90 2.01 5.00
C SER B 226 24.21 1.83 5.77
N GLY B 227 24.26 0.77 6.57
CA GLY B 227 25.36 0.57 7.50
C GLY B 227 25.37 1.66 8.57
N ALA B 228 26.57 1.96 9.08
CA ALA B 228 26.76 2.99 10.10
C ALA B 228 26.66 4.40 9.51
N VAL B 229 25.63 5.15 9.90
CA VAL B 229 25.42 6.53 9.42
C VAL B 229 24.94 7.52 10.49
N ASN B 230 24.06 7.07 11.39
CA ASN B 230 23.39 7.92 12.41
C ASN B 230 22.75 9.26 11.93
N GLU B 231 22.58 9.40 10.62
CA GLU B 231 21.50 10.20 10.01
C GLU B 231 21.09 9.45 8.72
N VAL B 232 19.82 9.10 8.60
CA VAL B 232 19.29 8.43 7.41
C VAL B 232 18.83 9.46 6.38
N SER B 233 19.53 9.52 5.25
CA SER B 233 19.16 10.41 4.15
C SER B 233 18.06 9.78 3.29
N ALA B 234 17.47 10.59 2.42
CA ALA B 234 16.45 10.13 1.47
C ALA B 234 17.00 9.24 0.35
N GLN B 235 18.33 9.13 0.23
CA GLN B 235 18.92 8.49 -0.95
C GLN B 235 18.55 7.01 -1.11
N GLY B 236 18.50 6.27 -0.01
CA GLY B 236 18.19 4.86 -0.05
C GLY B 236 16.86 4.60 -0.72
N LEU B 237 15.82 5.30 -0.27
CA LEU B 237 14.47 5.17 -0.85
C LEU B 237 14.38 5.76 -2.24
N GLU B 238 15.13 6.83 -2.51
CA GLU B 238 15.19 7.36 -3.85
C GLU B 238 15.77 6.31 -4.82
N ASP B 239 16.81 5.60 -4.40
CA ASP B 239 17.40 4.52 -5.19
C ASP B 239 16.39 3.41 -5.44
N SER B 240 15.65 3.04 -4.40
CA SER B 240 14.63 1.99 -4.51
C SER B 240 13.52 2.38 -5.49
N SER B 241 13.11 3.64 -5.48
CA SER B 241 12.01 4.08 -6.36
C SER B 241 12.51 4.11 -7.82
N GLU B 242 13.76 4.51 -8.04
CA GLU B 242 14.34 4.52 -9.39
C GLU B 242 14.51 3.09 -9.92
N PHE B 243 14.99 2.19 -9.06
CA PHE B 243 15.12 0.76 -9.34
C PHE B 243 13.75 0.18 -9.70
N TYR B 244 12.74 0.50 -8.89
CA TYR B 244 11.38 0.03 -9.12
C TYR B 244 10.88 0.52 -10.47
N LYS B 245 11.12 1.79 -10.75
CA LYS B 245 10.65 2.41 -11.99
C LYS B 245 11.24 1.69 -13.20
N GLU B 246 12.52 1.36 -13.13
CA GLU B 246 13.21 0.64 -14.20
C GLU B 246 12.65 -0.76 -14.39
N ILE B 247 12.49 -1.50 -13.29
CA ILE B 247 12.01 -2.88 -13.42
C ILE B 247 10.57 -2.92 -13.89
N LYS B 248 9.76 -1.95 -13.48
CA LYS B 248 8.35 -1.92 -13.85
C LYS B 248 8.20 -1.62 -15.33
N SER B 249 8.98 -0.66 -15.81
CA SER B 249 9.04 -0.25 -17.21
C SER B 249 9.39 -1.45 -18.10
N ARG B 250 10.42 -2.17 -17.68
CA ARG B 250 10.90 -3.33 -18.41
C ARG B 250 9.94 -4.51 -18.36
N LYS B 251 9.30 -4.74 -17.22
CA LYS B 251 8.31 -5.82 -17.10
C LYS B 251 7.15 -5.59 -18.07
N ASN B 252 6.75 -4.33 -18.24
CA ASN B 252 5.60 -3.96 -19.06
C ASN B 252 5.95 -3.68 -20.52
N ASP B 253 7.22 -3.90 -20.87
CA ASP B 253 7.68 -3.68 -22.23
C ASP B 253 7.64 -4.99 -23.03
N ILE B 254 6.68 -5.09 -23.93
CA ILE B 254 6.61 -6.23 -24.84
C ILE B 254 6.79 -5.83 -26.32
N LYS B 255 7.25 -4.61 -26.56
CA LYS B 255 7.63 -4.16 -27.91
C LYS B 255 8.73 -5.07 -28.46
N GLY B 256 8.67 -5.40 -29.75
CA GLY B 256 9.66 -6.25 -30.38
C GLY B 256 9.50 -7.76 -30.19
N PHE B 257 8.56 -8.17 -29.35
CA PHE B 257 8.29 -9.59 -29.14
C PHE B 257 7.30 -10.09 -30.18
N SER B 258 7.42 -11.37 -30.56
CA SER B 258 6.41 -12.03 -31.40
C SER B 258 5.12 -12.26 -30.60
N VAL B 259 4.07 -12.74 -31.27
CA VAL B 259 2.81 -13.03 -30.59
C VAL B 259 3.01 -14.22 -29.67
N SER B 260 3.80 -15.19 -30.13
CA SER B 260 4.16 -16.37 -29.37
C SER B 260 4.87 -15.97 -28.07
N ASP B 261 5.86 -15.09 -28.20
CA ASP B 261 6.57 -14.50 -27.07
C ASP B 261 5.60 -13.92 -26.01
N ILE B 262 4.67 -13.07 -26.47
CA ILE B 262 3.71 -12.40 -25.60
C ILE B 262 2.82 -13.41 -24.87
N LEU B 263 2.40 -14.46 -25.58
CA LEU B 263 1.50 -15.47 -25.01
C LEU B 263 2.16 -16.37 -23.97
N LYS B 264 3.45 -16.63 -24.11
CA LYS B 264 4.12 -17.52 -23.16
C LYS B 264 4.92 -16.80 -22.07
N LYS B 265 5.02 -15.48 -22.09
CA LYS B 265 5.91 -14.78 -21.13
C LYS B 265 5.38 -14.76 -19.69
N ASP B 266 4.05 -14.83 -19.54
CA ASP B 266 3.42 -14.93 -18.22
C ASP B 266 2.15 -15.77 -18.39
N TYR B 267 2.35 -17.09 -18.39
CA TYR B 267 1.37 -18.05 -18.84
C TYR B 267 1.20 -19.15 -17.81
N LYS B 268 -0.03 -19.61 -17.63
CA LYS B 268 -0.30 -20.77 -16.78
C LYS B 268 -1.25 -21.72 -17.49
N GLN B 269 -1.07 -23.01 -17.25
CA GLN B 269 -1.89 -24.04 -17.89
C GLN B 269 -2.49 -24.96 -16.85
N PHE B 270 -3.74 -25.37 -17.10
CA PHE B 270 -4.52 -26.21 -16.18
C PHE B 270 -5.29 -27.30 -16.93
N ASN B 271 -5.60 -28.39 -16.23
CA ASN B 271 -6.60 -29.36 -16.70
C ASN B 271 -7.78 -29.41 -15.73
N PHE B 272 -8.96 -29.01 -16.21
CA PHE B 272 -10.20 -29.08 -15.44
C PHE B 272 -10.84 -30.44 -15.66
N GLN B 273 -11.17 -31.15 -14.58
CA GLN B 273 -11.91 -32.40 -14.68
C GLN B 273 -12.39 -32.84 -13.29
N GLY B 279 -11.11 -34.24 -19.73
CA GLY B 279 -10.99 -32.97 -19.06
C GLY B 279 -10.92 -31.82 -20.04
N LEU B 280 -10.59 -30.62 -19.54
CA LEU B 280 -10.42 -29.44 -20.38
C LEU B 280 -9.01 -28.89 -20.19
N GLU B 281 -8.17 -29.05 -21.21
CA GLU B 281 -6.84 -28.43 -21.20
C GLU B 281 -7.00 -26.96 -21.59
N ILE B 282 -6.60 -26.06 -20.68
CA ILE B 282 -6.81 -24.63 -20.87
C ILE B 282 -5.61 -23.82 -20.41
N GLY B 283 -5.20 -22.87 -21.26
CA GLY B 283 -4.08 -21.99 -20.98
C GLY B 283 -4.53 -20.55 -20.92
N LEU B 284 -3.89 -19.76 -20.08
CA LEU B 284 -4.26 -18.36 -19.87
C LEU B 284 -3.00 -17.50 -19.87
N SER B 285 -2.90 -16.59 -20.84
CA SER B 285 -1.79 -15.66 -20.95
C SER B 285 -2.19 -14.32 -20.36
N SER B 286 -1.41 -13.84 -19.40
CA SER B 286 -1.58 -12.50 -18.85
C SER B 286 -0.70 -11.53 -19.65
N ILE B 287 -1.31 -10.47 -20.14
CA ILE B 287 -0.65 -9.50 -21.01
C ILE B 287 -0.83 -8.09 -20.44
N VAL B 288 0.20 -7.26 -20.59
CA VAL B 288 0.23 -5.93 -19.98
C VAL B 288 -0.26 -4.81 -20.91
N LYS B 289 -0.59 -5.14 -22.16
CA LYS B 289 -1.10 -4.16 -23.12
C LYS B 289 -2.49 -4.56 -23.59
N ARG B 290 -3.30 -3.56 -23.95
CA ARG B 290 -4.66 -3.78 -24.39
C ARG B 290 -4.69 -4.39 -25.79
N MET B 291 -5.84 -4.95 -26.19
CA MET B 291 -5.94 -5.74 -27.42
C MET B 291 -5.69 -4.91 -28.68
N SER B 292 -6.12 -3.65 -28.67
CA SER B 292 -5.94 -2.76 -29.82
C SER B 292 -4.46 -2.45 -30.05
N TRP B 293 -3.71 -2.29 -28.96
CA TRP B 293 -2.25 -2.16 -29.04
C TRP B 293 -1.65 -3.40 -29.72
N LEU B 294 -2.02 -4.59 -29.23
CA LEU B 294 -1.49 -5.85 -29.75
C LEU B 294 -1.79 -6.05 -31.24
N PHE B 295 -2.94 -5.56 -31.69
CA PHE B 295 -3.33 -5.72 -33.09
C PHE B 295 -2.48 -4.81 -33.98
N ASN B 296 -2.32 -3.56 -33.56
CA ASN B 296 -1.51 -2.56 -34.27
C ASN B 296 -0.05 -2.99 -34.48
N GLU B 297 0.47 -3.77 -33.54
CA GLU B 297 1.88 -4.17 -33.57
C GLU B 297 2.16 -5.48 -34.29
N HIS B 298 1.11 -6.25 -34.61
CA HIS B 298 1.31 -7.62 -35.10
C HIS B 298 0.46 -7.99 -36.33
N GLY B 299 0.46 -7.10 -37.31
CA GLY B 299 -0.11 -7.40 -38.62
C GLY B 299 -1.63 -7.35 -38.69
N GLY B 300 -2.26 -6.85 -37.63
CA GLY B 300 -3.71 -6.67 -37.61
C GLY B 300 -4.44 -7.74 -36.81
N GLU B 301 -5.74 -7.52 -36.62
CA GLU B 301 -6.56 -8.38 -35.78
C GLU B 301 -6.50 -9.84 -36.20
N ALA B 302 -6.69 -10.09 -37.50
CA ALA B 302 -6.75 -11.45 -38.04
C ALA B 302 -5.41 -12.19 -38.00
N ASP B 303 -4.31 -11.46 -38.21
CA ASP B 303 -2.97 -12.05 -38.14
C ASP B 303 -2.63 -12.47 -36.70
N PHE B 304 -2.99 -11.60 -35.74
CA PHE B 304 -2.73 -11.86 -34.32
C PHE B 304 -3.51 -13.07 -33.83
N VAL B 305 -4.72 -13.27 -34.35
CA VAL B 305 -5.56 -14.39 -33.95
C VAL B 305 -5.06 -15.72 -34.52
N ASN B 306 -4.54 -15.69 -35.75
CA ASN B 306 -3.99 -16.90 -36.38
C ASN B 306 -2.74 -17.42 -35.67
N GLN B 307 -1.94 -16.50 -35.14
CA GLN B 307 -0.76 -16.88 -34.35
C GLN B 307 -1.19 -17.36 -32.96
N CYS B 308 -2.29 -16.81 -32.43
CA CYS B 308 -2.87 -17.31 -31.18
C CYS B 308 -3.34 -18.76 -31.33
N ARG B 309 -3.88 -19.08 -32.50
CA ARG B 309 -4.40 -20.41 -32.79
C ARG B 309 -3.26 -21.42 -32.97
N ARG B 310 -2.19 -21.01 -33.63
CA ARG B 310 -0.98 -21.84 -33.72
C ARG B 310 -0.44 -22.16 -32.33
N PHE B 311 -0.44 -21.16 -31.46
CA PHE B 311 0.02 -21.28 -30.08
C PHE B 311 -0.83 -22.32 -29.35
N GLN B 312 -2.15 -22.17 -29.45
CA GLN B 312 -3.11 -23.09 -28.84
C GLN B 312 -2.88 -24.51 -29.31
N ALA B 313 -2.74 -24.69 -30.61
CA ALA B 313 -2.51 -26.00 -31.21
C ALA B 313 -1.23 -26.64 -30.69
N GLU B 314 -0.16 -25.85 -30.64
CA GLU B 314 1.15 -26.32 -30.22
C GLU B 314 1.17 -26.89 -28.79
N ARG B 315 0.28 -26.39 -27.92
CA ARG B 315 0.23 -26.85 -26.53
C ARG B 315 -0.95 -27.80 -26.26
N GLY B 316 -1.72 -28.11 -27.29
CA GLY B 316 -2.85 -29.03 -27.17
C GLY B 316 -3.96 -28.50 -26.30
N LEU B 317 -4.21 -27.20 -26.37
CA LEU B 317 -5.26 -26.57 -25.55
C LEU B 317 -6.60 -26.67 -26.25
N ASP B 318 -7.61 -27.09 -25.50
CA ASP B 318 -9.01 -26.97 -25.93
C ASP B 318 -9.47 -25.50 -25.92
N VAL B 319 -8.99 -24.74 -24.94
CA VAL B 319 -9.30 -23.32 -24.81
C VAL B 319 -8.02 -22.52 -24.49
N LEU B 320 -7.87 -21.37 -25.15
CA LEU B 320 -6.86 -20.38 -24.77
C LEU B 320 -7.56 -19.07 -24.42
N VAL B 321 -7.12 -18.45 -23.34
CA VAL B 321 -7.69 -17.19 -22.87
C VAL B 321 -6.57 -16.17 -22.74
N LEU B 322 -6.81 -14.94 -23.17
CA LEU B 322 -5.90 -13.82 -22.93
C LEU B 322 -6.53 -12.86 -21.92
N LEU B 323 -5.77 -12.50 -20.89
CA LEU B 323 -6.21 -11.56 -19.87
C LEU B 323 -5.31 -10.33 -19.92
N THR B 324 -5.81 -9.23 -20.46
CA THR B 324 -5.05 -7.98 -20.48
C THR B 324 -5.36 -7.14 -19.26
N SER B 325 -4.41 -6.29 -18.88
CA SER B 325 -4.61 -5.32 -17.81
C SER B 325 -3.62 -4.16 -17.93
N TRP B 326 -4.12 -2.94 -17.74
CA TRP B 326 -3.28 -1.74 -17.70
C TRP B 326 -3.89 -0.69 -16.77
N ARG B 327 -3.04 0.14 -16.18
CA ARG B 327 -3.47 1.18 -15.25
C ARG B 327 -3.24 2.56 -15.87
N LYS B 328 -4.31 3.16 -16.39
CA LYS B 328 -4.24 4.47 -17.04
C LYS B 328 -4.95 5.53 -16.18
N ALA B 329 -4.21 6.54 -15.76
CA ALA B 329 -4.78 7.69 -15.05
C ALA B 329 -5.64 7.28 -13.85
N GLY B 330 -5.14 6.32 -13.07
CA GLY B 330 -5.80 5.87 -11.85
C GLY B 330 -6.67 4.63 -12.05
N ASP B 331 -7.65 4.73 -12.95
CA ASP B 331 -8.60 3.65 -13.19
C ASP B 331 -7.96 2.50 -13.96
N SER B 332 -7.88 1.33 -13.34
CA SER B 332 -7.43 0.12 -14.02
C SER B 332 -8.53 -0.38 -14.95
N HIS B 333 -8.14 -0.81 -16.14
CA HIS B 333 -9.03 -1.52 -17.06
C HIS B 333 -8.57 -2.97 -17.17
N ARG B 334 -9.44 -3.80 -17.72
CA ARG B 334 -9.14 -5.21 -18.00
C ARG B 334 -9.94 -5.67 -19.22
N GLU B 335 -9.37 -6.63 -19.95
CA GLU B 335 -10.11 -7.35 -20.99
C GLU B 335 -9.88 -8.85 -20.84
N LEU B 336 -10.78 -9.64 -21.41
CA LEU B 336 -10.59 -11.08 -21.54
C LEU B 336 -11.08 -11.52 -22.92
N VAL B 337 -10.23 -12.24 -23.64
CA VAL B 337 -10.60 -12.83 -24.93
C VAL B 337 -10.35 -14.32 -24.86
N ILE B 338 -11.24 -15.08 -25.50
CA ILE B 338 -11.25 -16.54 -25.39
C ILE B 338 -11.26 -17.16 -26.78
N LEU B 339 -10.56 -18.28 -26.94
CA LEU B 339 -10.45 -19.01 -28.20
C LEU B 339 -10.73 -20.48 -27.91
N GLY B 340 -11.53 -21.14 -28.75
CA GLY B 340 -11.77 -22.56 -28.59
C GLY B 340 -12.88 -23.14 -29.44
N ASP B 341 -13.26 -24.38 -29.12
CA ASP B 341 -14.40 -25.06 -29.73
C ASP B 341 -15.64 -24.16 -29.61
N SER B 342 -16.38 -24.02 -30.71
CA SER B 342 -17.49 -23.07 -30.80
C SER B 342 -18.48 -23.15 -29.64
N ASN B 343 -18.82 -24.37 -29.22
CA ASN B 343 -19.84 -24.57 -28.19
C ASN B 343 -19.30 -24.45 -26.76
N VAL B 344 -18.12 -25.01 -26.50
CA VAL B 344 -17.50 -24.93 -25.17
C VAL B 344 -17.23 -23.47 -24.78
N VAL B 345 -16.72 -22.68 -25.72
CA VAL B 345 -16.77 -21.22 -25.60
C VAL B 345 -18.24 -20.86 -25.77
N ARG B 346 -18.69 -19.81 -25.10
CA ARG B 346 -20.11 -19.44 -25.02
C ARG B 346 -20.72 -20.04 -23.78
N GLU B 347 -20.61 -21.36 -23.64
CA GLU B 347 -21.08 -22.03 -22.43
C GLU B 347 -20.29 -21.58 -21.19
N LEU B 348 -18.98 -21.47 -21.34
CA LEU B 348 -18.15 -20.96 -20.25
C LEU B 348 -18.47 -19.47 -20.01
N ILE B 349 -18.55 -18.71 -21.08
CA ILE B 349 -18.82 -17.27 -21.00
C ILE B 349 -20.20 -16.97 -20.37
N GLU B 350 -21.17 -17.83 -20.63
CA GLU B 350 -22.52 -17.67 -20.06
C GLU B 350 -22.51 -17.76 -18.53
N ARG B 351 -21.63 -18.59 -17.98
CA ARG B 351 -21.59 -18.83 -16.54
C ARG B 351 -20.69 -17.84 -15.76
N VAL B 352 -19.80 -17.14 -16.46
CA VAL B 352 -18.86 -16.22 -15.80
C VAL B 352 -19.11 -14.73 -16.07
N SER B 353 -20.02 -14.42 -17.00
CA SER B 353 -20.30 -13.03 -17.41
C SER B 353 -20.63 -12.08 -16.28
N ASP B 354 -21.46 -12.54 -15.33
CA ASP B 354 -22.01 -11.68 -14.27
C ASP B 354 -20.96 -11.26 -13.27
N LYS B 355 -20.24 -12.26 -12.74
CA LYS B 355 -19.23 -12.03 -11.71
C LYS B 355 -18.02 -11.26 -12.26
N LEU B 356 -17.76 -11.39 -13.57
CA LEU B 356 -16.65 -10.69 -14.21
C LEU B 356 -17.10 -9.42 -14.93
N GLN B 357 -18.42 -9.21 -15.00
CA GLN B 357 -19.04 -8.05 -15.65
C GLN B 357 -18.56 -7.83 -17.09
N LEU B 358 -18.58 -8.91 -17.88
CA LEU B 358 -18.09 -8.89 -19.26
C LEU B 358 -19.04 -8.19 -20.22
N GLN B 359 -18.46 -7.61 -21.29
CA GLN B 359 -19.21 -6.92 -22.35
C GLN B 359 -18.54 -7.16 -23.70
N LEU B 360 -19.23 -7.79 -24.64
CA LEU B 360 -18.64 -8.03 -25.96
C LEU B 360 -18.27 -6.71 -26.65
N PHE B 361 -17.04 -6.63 -27.16
CA PHE B 361 -16.60 -5.51 -28.01
C PHE B 361 -16.07 -5.95 -29.37
N GLY B 362 -15.97 -7.27 -29.58
CA GLY B 362 -15.48 -7.81 -30.85
C GLY B 362 -15.52 -9.32 -30.89
N GLY B 363 -15.41 -9.89 -32.08
CA GLY B 363 -15.50 -11.33 -32.27
C GLY B 363 -16.91 -11.86 -32.14
N ASN B 364 -17.06 -13.18 -32.21
CA ASN B 364 -18.36 -13.83 -32.06
C ASN B 364 -18.26 -15.12 -31.25
N LEU B 365 -19.20 -15.30 -30.32
CA LEU B 365 -19.24 -16.49 -29.44
C LEU B 365 -19.41 -17.79 -30.22
N ASP B 366 -20.23 -17.75 -31.28
CA ASP B 366 -20.47 -18.92 -32.13
C ASP B 366 -19.28 -19.18 -33.07
N GLY B 367 -18.49 -18.15 -33.32
CA GLY B 367 -17.24 -18.30 -34.06
C GLY B 367 -16.15 -18.98 -33.26
N GLY B 368 -16.24 -18.90 -31.93
CA GLY B 368 -15.26 -19.50 -31.04
C GLY B 368 -14.26 -18.50 -30.47
N VAL B 369 -14.15 -17.35 -31.12
CA VAL B 369 -13.20 -16.30 -30.74
C VAL B 369 -13.97 -15.03 -30.38
N ALA B 370 -14.07 -14.74 -29.09
CA ALA B 370 -14.79 -13.58 -28.61
C ALA B 370 -13.91 -12.72 -27.70
N MET B 371 -14.19 -11.43 -27.65
CA MET B 371 -13.35 -10.46 -26.95
C MET B 371 -14.22 -9.58 -26.05
N PHE B 372 -13.77 -9.33 -24.82
CA PHE B 372 -14.61 -8.70 -23.80
C PHE B 372 -13.91 -7.64 -22.99
N LYS B 373 -14.68 -6.69 -22.47
CA LYS B 373 -14.22 -5.72 -21.47
C LYS B 373 -14.63 -6.23 -20.10
N GLN B 374 -13.66 -6.44 -19.21
CA GLN B 374 -13.91 -7.01 -17.90
C GLN B 374 -14.00 -5.92 -16.84
N LEU B 375 -15.23 -5.54 -16.49
CA LEU B 375 -15.48 -4.41 -15.58
C LEU B 375 -15.24 -4.75 -14.11
N ASN B 376 -15.15 -6.04 -13.78
CA ASN B 376 -14.66 -6.46 -12.47
C ASN B 376 -13.14 -6.41 -12.53
N VAL B 377 -12.59 -5.22 -12.25
CA VAL B 377 -11.17 -4.96 -12.40
C VAL B 377 -10.35 -5.54 -11.24
N GLU B 378 -11.03 -5.99 -10.19
CA GLU B 378 -10.38 -6.63 -9.06
C GLU B 378 -10.28 -8.17 -9.22
N ALA B 379 -10.81 -8.70 -10.32
CA ALA B 379 -10.67 -10.12 -10.63
C ALA B 379 -9.46 -10.37 -11.53
N THR B 380 -8.34 -10.77 -10.93
CA THR B 380 -7.13 -11.16 -11.65
C THR B 380 -7.22 -12.62 -12.10
N ARG B 381 -6.13 -13.14 -12.68
CA ARG B 381 -6.09 -14.55 -13.07
C ARG B 381 -6.34 -15.50 -11.89
N LYS B 382 -6.01 -15.08 -10.67
CA LYS B 382 -6.26 -15.88 -9.47
C LYS B 382 -7.76 -16.17 -9.26
N GLN B 383 -8.61 -15.23 -9.69
CA GLN B 383 -10.07 -15.39 -9.61
C GLN B 383 -10.69 -15.93 -10.89
N VAL B 384 -10.17 -15.53 -12.06
CA VAL B 384 -10.73 -15.95 -13.35
C VAL B 384 -10.65 -17.46 -13.59
N VAL B 385 -9.54 -18.07 -13.16
CA VAL B 385 -9.34 -19.51 -13.32
C VAL B 385 -10.39 -20.34 -12.56
N PRO B 386 -10.55 -20.15 -11.24
CA PRO B 386 -11.61 -20.88 -10.52
C PRO B 386 -13.03 -20.57 -11.01
N TYR B 387 -13.29 -19.37 -11.53
CA TYR B 387 -14.60 -19.07 -12.09
C TYR B 387 -14.86 -19.92 -13.32
N LEU B 388 -13.83 -20.12 -14.14
CA LEU B 388 -13.95 -20.95 -15.35
C LEU B 388 -14.01 -22.43 -14.99
N GLU B 389 -13.30 -22.82 -13.93
CA GLU B 389 -13.32 -24.19 -13.43
C GLU B 389 -14.73 -24.53 -12.88
N GLU B 390 -15.30 -23.60 -12.12
CA GLU B 390 -16.63 -23.75 -11.55
C GLU B 390 -17.68 -23.77 -12.66
N ALA B 391 -17.44 -22.99 -13.70
CA ALA B 391 -18.29 -22.95 -14.87
C ALA B 391 -18.24 -24.28 -15.64
N TYR B 392 -17.06 -24.87 -15.73
CA TYR B 392 -16.90 -26.13 -16.46
C TYR B 392 -17.57 -27.29 -15.74
N SER B 393 -17.44 -27.32 -14.41
CA SER B 393 -18.12 -28.30 -13.55
C SER B 393 -19.63 -28.16 -13.72
N ASN B 394 -20.11 -26.92 -13.59
CA ASN B 394 -21.53 -26.59 -13.82
C ASN B 394 -22.01 -27.12 -15.18
N LEU B 395 -21.21 -26.89 -16.22
CA LEU B 395 -21.55 -27.30 -17.57
C LEU B 395 -21.58 -28.82 -17.75
N GLU B 396 -20.59 -29.51 -17.19
CA GLU B 396 -20.27 -30.88 -17.58
C GLU B 396 -20.81 -31.99 -16.66
N GLU B 397 -21.01 -31.69 -15.38
CA GLU B 397 -21.39 -32.74 -14.43
C GLU B 397 -22.89 -32.99 -14.40
MG MG C . -3.76 14.65 7.27
PG ATP D . -10.47 14.10 5.00
O1G ATP D . -11.10 15.09 4.04
O2G ATP D . -9.03 14.26 5.42
PB ATP D . -9.91 11.31 4.80
O1B ATP D . -9.47 11.43 6.25
O2B ATP D . -8.87 11.05 3.72
O3B ATP D . -10.72 12.64 4.36
PA ATP D . -12.46 10.09 5.38
O1A ATP D . -12.56 11.37 6.16
O2A ATP D . -13.49 9.95 4.29
O3A ATP D . -11.02 10.14 4.65
O5' ATP D . -12.34 8.84 6.21
MG MG E . 5.20 -14.90 -5.54
#